data_7WUR
#
_entry.id   7WUR
#
_cell.length_a   1.00
_cell.length_b   1.00
_cell.length_c   1.00
_cell.angle_alpha   90.00
_cell.angle_beta   90.00
_cell.angle_gamma   90.00
#
_symmetry.space_group_name_H-M   'P 1'
#
loop_
_entity.id
_entity.type
_entity.pdbx_description
1 polymer 'Core protein'
2 polymer 'Fab 5E3 Heavy Chain'
3 polymer 'Fab 5E3 Light Chain'
#
loop_
_entity_poly.entity_id
_entity_poly.type
_entity_poly.pdbx_seq_one_letter_code
_entity_poly.pdbx_strand_id
1 'polypeptide(L)'
;DSGCVVSWKNKELKCGSGIFITDNVHTWTEQYKFQPESPSKLASAIQKAHEEGICGIRSVTRLENLMWKQITPELNHILT
ENEVKLTIMTGDIKGIMQAGKRSLRPQPTELKYSWKAWGKAKMLSTELHNHTFLIDGPETAECPNTNRAWNSLEVEDYGF
GVFTTNIWLKLKERQDVFCDSKLMSAAIKDNRAVHADMGYWIESALNDTWKIEKASFIEVKSCHWPKSHTLWSNGVLESE
MIIPKNFAGPVSQHNYRPGYHTQTAGPWHLGRLEMDFDFCEGTTVVVTEDCGNRGPSLRTTTASGKLITEWCCRSCTLPP
LRYRGEDGCWYGMEIRPLKEK
;
A,B
2 'polypeptide(L)'
;QVQLVESGGGLVKPGGSLRLSCAASGFTFSDYYMSWIRQAPGKGLEWVSYISTGSSHTDYADSVKGRFTISRDNTKNSLY
LQLNSLRDEDTAVYYCASGYRFSYVSYWGQGTLVTVSS
;
E,G
3 'polypeptide(L)'
;EIVLTQSPGTLSLSPGERATLSCRASQSVSSSYLAWYQQKPGQAPRLLIYGASTRATGIPDRFTGSGSGTDFTLTISRLE
PEDFAVYYCQQYGSSPAWTFGQGTKVEI
;
F,H
#
# COMPACT_ATOMS: atom_id res chain seq x y z
N ASP A 1 -9.74 -9.25 5.91
CA ASP A 1 -8.47 -9.00 5.23
C ASP A 1 -8.16 -10.10 4.22
N SER A 2 -9.05 -11.10 4.16
CA SER A 2 -8.91 -12.22 3.24
C SER A 2 -10.14 -12.28 2.33
N GLY A 3 -9.89 -12.45 1.04
CA GLY A 3 -10.99 -12.52 0.09
C GLY A 3 -10.46 -12.72 -1.31
N CYS A 4 -11.39 -12.70 -2.27
CA CYS A 4 -11.08 -12.88 -3.68
C CYS A 4 -11.42 -11.60 -4.42
N VAL A 5 -10.49 -11.16 -5.29
CA VAL A 5 -10.62 -9.92 -6.03
C VAL A 5 -10.54 -10.23 -7.52
N VAL A 6 -11.49 -9.73 -8.29
CA VAL A 6 -11.49 -9.87 -9.74
C VAL A 6 -10.84 -8.63 -10.35
N SER A 7 -10.00 -8.84 -11.36
CA SER A 7 -9.30 -7.76 -12.04
C SER A 7 -9.67 -7.77 -13.51
N TRP A 8 -10.24 -6.67 -14.00
CA TRP A 8 -10.64 -6.59 -15.40
C TRP A 8 -9.43 -6.45 -16.33
N LYS A 9 -8.42 -5.67 -15.91
CA LYS A 9 -7.27 -5.43 -16.77
C LYS A 9 -6.48 -6.71 -17.00
N ASN A 10 -6.24 -7.49 -15.94
CA ASN A 10 -5.48 -8.73 -16.05
C ASN A 10 -6.34 -9.93 -16.42
N LYS A 11 -7.67 -9.78 -16.42
CA LYS A 11 -8.61 -10.85 -16.76
C LYS A 11 -8.38 -12.09 -15.89
N GLU A 12 -8.04 -11.88 -14.62
CA GLU A 12 -7.73 -12.97 -13.71
C GLU A 12 -8.38 -12.70 -12.36
N LEU A 13 -8.33 -13.70 -11.49
CA LEU A 13 -8.87 -13.62 -10.14
C LEU A 13 -7.74 -13.70 -9.13
N LYS A 14 -7.75 -12.79 -8.16
CA LYS A 14 -6.76 -12.76 -7.09
C LYS A 14 -7.43 -13.15 -5.79
N CYS A 15 -6.94 -14.23 -5.17
CA CYS A 15 -7.50 -14.74 -3.93
C CYS A 15 -6.39 -14.90 -2.90
N GLY A 16 -6.63 -14.40 -1.70
CA GLY A 16 -5.64 -14.49 -0.64
C GLY A 16 -5.94 -13.51 0.48
N SER A 17 -4.94 -13.26 1.30
CA SER A 17 -5.03 -12.35 2.42
C SER A 17 -4.20 -11.10 2.15
N GLY A 18 -4.54 -10.02 2.86
CA GLY A 18 -3.82 -8.78 2.70
C GLY A 18 -4.67 -7.55 2.97
N ILE A 19 -4.31 -6.42 2.36
CA ILE A 19 -4.99 -5.16 2.58
C ILE A 19 -5.54 -4.66 1.24
N PHE A 20 -6.81 -4.27 1.24
CA PHE A 20 -7.45 -3.69 0.08
C PHE A 20 -7.68 -2.21 0.32
N ILE A 21 -7.27 -1.39 -0.64
CA ILE A 21 -7.38 0.06 -0.54
C ILE A 21 -8.61 0.47 -1.34
N THR A 22 -9.68 0.81 -0.65
CA THR A 22 -10.90 1.24 -1.31
C THR A 22 -10.69 2.61 -1.98
N ASP A 23 -11.43 2.82 -3.07
CA ASP A 23 -11.34 4.09 -3.78
C ASP A 23 -11.91 5.24 -2.93
N ASN A 24 -13.18 5.11 -2.54
CA ASN A 24 -13.92 6.08 -1.73
C ASN A 24 -13.72 7.53 -2.17
N VAL A 25 -13.38 7.73 -3.44
CA VAL A 25 -13.28 9.09 -3.98
C VAL A 25 -14.03 9.25 -5.30
N HIS A 26 -14.35 8.18 -6.02
CA HIS A 26 -15.27 8.22 -7.15
C HIS A 26 -16.55 7.46 -6.80
N THR A 27 -17.56 7.63 -7.66
CA THR A 27 -18.79 6.84 -7.64
C THR A 27 -19.49 6.93 -6.29
N TRP A 28 -19.97 8.14 -6.00
CA TRP A 28 -20.80 8.40 -4.82
C TRP A 28 -20.09 8.00 -3.53
N THR A 29 -19.01 8.75 -3.24
CA THR A 29 -18.22 8.53 -2.05
C THR A 29 -19.09 8.33 -0.82
N GLU A 30 -19.06 7.13 -0.26
CA GLU A 30 -19.97 6.74 0.81
C GLU A 30 -19.19 6.06 1.92
N GLN A 31 -19.45 6.45 3.16
CA GLN A 31 -20.37 7.56 3.45
C GLN A 31 -19.67 8.68 4.20
N TYR A 32 -18.93 8.30 5.25
CA TYR A 32 -18.33 9.24 6.18
C TYR A 32 -19.38 10.24 6.70
N LYS A 33 -20.38 9.67 7.38
CA LYS A 33 -21.42 10.46 8.00
C LYS A 33 -20.91 11.07 9.30
N PHE A 34 -21.75 11.88 9.94
CA PHE A 34 -21.27 12.91 10.86
C PHE A 34 -21.99 12.87 12.21
N GLN A 35 -21.22 12.60 13.26
CA GLN A 35 -21.61 12.88 14.64
C GLN A 35 -20.34 12.92 15.50
N PRO A 36 -20.13 14.01 16.22
CA PRO A 36 -18.94 14.09 17.09
C PRO A 36 -19.14 13.35 18.40
N GLU A 37 -18.19 13.51 19.32
CA GLU A 37 -18.27 12.89 20.63
C GLU A 37 -19.29 13.63 21.48
N SER A 38 -19.25 13.40 22.80
CA SER A 38 -20.28 13.92 23.70
C SER A 38 -20.46 15.42 23.50
N PRO A 39 -21.70 15.91 23.44
CA PRO A 39 -21.93 17.31 23.07
C PRO A 39 -21.41 18.31 24.09
N SER A 40 -21.35 17.95 25.37
CA SER A 40 -20.94 18.91 26.38
C SER A 40 -19.49 19.34 26.20
N LYS A 41 -18.61 18.41 25.80
CA LYS A 41 -17.22 18.78 25.57
C LYS A 41 -17.08 19.77 24.42
N LEU A 42 -17.76 19.51 23.30
CA LEU A 42 -17.72 20.44 22.19
C LEU A 42 -18.38 21.77 22.54
N ALA A 43 -19.53 21.72 23.21
CA ALA A 43 -20.22 22.96 23.57
C ALA A 43 -19.37 23.80 24.53
N SER A 44 -18.75 23.15 25.52
CA SER A 44 -17.90 23.90 26.46
C SER A 44 -16.65 24.44 25.78
N ALA A 45 -16.25 23.85 24.66
CA ALA A 45 -15.03 24.27 23.99
C ALA A 45 -15.20 25.59 23.24
N ILE A 46 -16.44 26.03 23.00
CA ILE A 46 -16.66 27.24 22.22
C ILE A 46 -16.48 28.48 23.09
N GLN A 47 -17.31 28.61 24.14
CA GLN A 47 -17.25 29.80 24.98
C GLN A 47 -15.94 29.88 25.75
N LYS A 48 -15.32 28.74 26.09
CA LYS A 48 -14.00 28.79 26.72
C LYS A 48 -12.97 29.37 25.76
N ALA A 49 -13.00 28.97 24.50
CA ALA A 49 -12.13 29.56 23.49
C ALA A 49 -12.56 30.98 23.14
N HIS A 50 -13.86 31.26 23.16
CA HIS A 50 -14.33 32.61 22.89
C HIS A 50 -13.86 33.59 23.97
N GLU A 51 -13.75 33.12 25.21
CA GLU A 51 -13.15 33.94 26.26
C GLU A 51 -11.69 34.25 25.96
N GLU A 52 -10.97 33.30 25.37
CA GLU A 52 -9.58 33.54 24.98
C GLU A 52 -9.51 34.60 23.89
N GLY A 53 -10.48 34.62 22.98
CA GLY A 53 -10.50 35.62 21.93
C GLY A 53 -10.65 35.06 20.52
N ILE A 54 -11.09 33.81 20.41
CA ILE A 54 -11.35 33.22 19.10
C ILE A 54 -12.59 33.85 18.49
N CYS A 55 -12.68 33.81 17.16
CA CYS A 55 -13.80 34.39 16.44
C CYS A 55 -14.45 33.48 15.41
N GLY A 56 -13.76 32.43 14.95
CA GLY A 56 -14.33 31.57 13.94
C GLY A 56 -13.59 30.25 13.86
N ILE A 57 -14.14 29.36 13.04
CA ILE A 57 -13.60 28.01 12.84
C ILE A 57 -13.47 27.77 11.34
N ARG A 58 -12.35 27.18 10.93
CA ARG A 58 -12.14 26.73 9.56
C ARG A 58 -12.11 25.21 9.52
N SER A 59 -12.59 24.66 8.41
CA SER A 59 -12.66 23.22 8.20
C SER A 59 -11.49 22.77 7.34
N VAL A 60 -10.72 21.79 7.85
CA VAL A 60 -9.57 21.31 7.12
C VAL A 60 -10.00 20.55 5.87
N THR A 61 -11.10 19.80 5.96
CA THR A 61 -11.62 19.02 4.84
C THR A 61 -12.97 19.56 4.41
N ARG A 62 -13.35 19.20 3.18
CA ARG A 62 -14.64 19.63 2.65
C ARG A 62 -15.79 19.06 3.47
N LEU A 63 -15.69 17.79 3.85
CA LEU A 63 -16.75 17.13 4.59
C LEU A 63 -16.85 17.62 6.03
N GLU A 64 -15.75 18.11 6.61
CA GLU A 64 -15.81 18.62 7.97
C GLU A 64 -16.77 19.80 8.08
N ASN A 65 -16.95 20.56 7.00
CA ASN A 65 -17.98 21.60 7.01
C ASN A 65 -19.37 21.01 7.21
N LEU A 66 -19.65 19.88 6.56
CA LEU A 66 -20.97 19.25 6.69
C LEU A 66 -21.20 18.70 8.10
N MET A 67 -20.13 18.49 8.88
CA MET A 67 -20.31 18.33 10.33
C MET A 67 -21.06 19.51 10.90
N TRP A 68 -20.59 20.73 10.62
CA TRP A 68 -21.17 21.91 11.26
C TRP A 68 -22.52 22.26 10.64
N LYS A 69 -22.68 22.06 9.33
CA LYS A 69 -23.88 22.52 8.64
C LYS A 69 -25.16 21.87 9.18
N GLN A 70 -25.04 20.74 9.88
CA GLN A 70 -26.19 20.04 10.42
C GLN A 70 -26.17 19.93 11.94
N ILE A 71 -25.08 20.35 12.58
CA ILE A 71 -24.97 20.33 14.03
C ILE A 71 -25.28 21.70 14.66
N THR A 72 -25.11 22.81 13.93
CA THR A 72 -25.39 24.14 14.47
C THR A 72 -26.77 24.29 15.11
N PRO A 73 -27.82 23.58 14.67
CA PRO A 73 -29.05 23.59 15.47
C PRO A 73 -28.86 23.07 16.88
N GLU A 74 -27.93 22.14 17.08
CA GLU A 74 -27.79 21.51 18.39
C GLU A 74 -27.04 22.39 19.38
N LEU A 75 -25.89 22.95 18.99
CA LEU A 75 -25.13 23.77 19.94
C LEU A 75 -25.91 25.00 20.36
N ASN A 76 -26.68 25.59 19.44
CA ASN A 76 -27.49 26.74 19.79
C ASN A 76 -28.47 26.42 20.91
N HIS A 77 -28.92 25.16 21.00
CA HIS A 77 -29.82 24.76 22.07
C HIS A 77 -29.10 24.73 23.42
N ILE A 78 -27.93 24.09 23.47
CA ILE A 78 -27.25 23.91 24.75
C ILE A 78 -26.68 25.22 25.28
N LEU A 79 -26.11 26.05 24.41
CA LEU A 79 -25.59 27.34 24.87
C LEU A 79 -26.70 28.23 25.39
N THR A 80 -27.86 28.22 24.73
CA THR A 80 -29.02 28.92 25.28
C THR A 80 -29.49 28.29 26.58
N GLU A 81 -29.46 26.96 26.66
CA GLU A 81 -29.76 26.29 27.92
C GLU A 81 -28.74 26.63 29.00
N ASN A 82 -27.52 27.01 28.61
CA ASN A 82 -26.51 27.49 29.54
C ASN A 82 -26.44 29.01 29.58
N GLU A 83 -27.49 29.68 29.12
CA GLU A 83 -27.59 31.15 29.06
C GLU A 83 -26.27 31.78 28.63
N VAL A 84 -25.79 31.38 27.46
CA VAL A 84 -24.57 31.89 26.87
C VAL A 84 -24.92 32.89 25.78
N LYS A 85 -24.36 34.09 25.86
CA LYS A 85 -24.63 35.15 24.89
C LYS A 85 -23.72 34.96 23.69
N LEU A 86 -24.09 34.00 22.84
CA LEU A 86 -23.33 33.71 21.63
C LEU A 86 -24.26 33.06 20.62
N THR A 87 -23.83 33.08 19.35
CA THR A 87 -24.58 32.46 18.27
C THR A 87 -23.63 31.80 17.30
N ILE A 88 -24.13 30.77 16.62
CA ILE A 88 -23.35 29.97 15.68
C ILE A 88 -24.04 29.98 14.33
N MET A 89 -23.34 30.46 13.31
CA MET A 89 -23.87 30.51 11.95
C MET A 89 -22.79 29.99 10.99
N THR A 90 -23.09 28.88 10.32
CA THR A 90 -22.19 28.33 9.32
C THR A 90 -22.65 28.72 7.92
N GLY A 91 -21.74 28.57 6.95
CA GLY A 91 -22.05 28.88 5.57
C GLY A 91 -21.29 28.03 4.58
N ASP A 92 -21.30 28.45 3.31
CA ASP A 92 -20.59 27.75 2.26
C ASP A 92 -19.11 28.13 2.28
N ILE A 93 -18.27 27.26 1.69
CA ILE A 93 -16.84 27.48 1.64
C ILE A 93 -16.33 27.01 0.28
N LYS A 94 -15.21 27.58 -0.15
CA LYS A 94 -14.65 27.34 -1.47
C LYS A 94 -13.12 27.35 -1.38
N GLY A 95 -12.49 26.60 -2.29
CA GLY A 95 -11.03 26.61 -2.35
C GLY A 95 -10.49 28.01 -2.64
N ILE A 96 -9.33 28.31 -2.08
CA ILE A 96 -8.51 27.38 -1.31
C ILE A 96 -9.06 27.18 0.09
N MET A 97 -9.02 25.94 0.57
CA MET A 97 -9.60 25.62 1.88
C MET A 97 -8.67 26.20 2.95
N GLN A 98 -8.94 27.43 3.38
CA GLN A 98 -7.99 28.17 4.18
C GLN A 98 -7.85 27.56 5.57
N ALA A 99 -6.75 27.90 6.23
CA ALA A 99 -6.41 27.37 7.55
C ALA A 99 -6.15 28.52 8.52
N GLY A 100 -6.62 28.37 9.74
CA GLY A 100 -6.41 29.35 10.78
C GLY A 100 -5.03 29.26 11.39
N LYS A 101 -4.79 30.09 12.40
CA LYS A 101 -3.50 30.14 13.07
C LYS A 101 -3.47 29.44 14.42
N ARG A 102 -4.61 29.29 15.09
CA ARG A 102 -4.65 28.57 16.36
C ARG A 102 -5.69 27.47 16.31
N SER A 103 -5.98 26.85 17.45
CA SER A 103 -6.89 25.72 17.51
C SER A 103 -7.55 25.65 18.87
N LEU A 104 -8.58 24.81 18.97
CA LEU A 104 -9.26 24.57 20.23
C LEU A 104 -8.42 23.66 21.12
N ARG A 105 -8.85 23.55 22.38
CA ARG A 105 -8.16 22.72 23.35
C ARG A 105 -9.08 22.48 24.54
N PRO A 106 -8.97 21.34 25.21
CA PRO A 106 -9.56 21.17 26.53
C PRO A 106 -8.64 21.77 27.59
N GLN A 107 -9.19 22.19 28.75
CA GLN A 107 -10.57 22.15 29.28
C GLN A 107 -11.48 20.95 28.99
N PRO A 108 -11.14 19.79 29.57
CA PRO A 108 -12.06 18.64 29.51
C PRO A 108 -13.21 18.76 30.50
N THR A 109 -13.17 19.74 31.40
CA THR A 109 -14.28 20.00 32.31
C THR A 109 -15.41 20.63 31.51
N GLU A 110 -16.40 19.82 31.13
CA GLU A 110 -17.44 20.22 30.22
C GLU A 110 -18.61 20.85 30.97
N LEU A 111 -19.62 21.28 30.22
CA LEU A 111 -20.80 21.89 30.81
C LEU A 111 -21.59 20.86 31.60
N LYS A 112 -22.20 21.31 32.70
CA LYS A 112 -22.95 20.45 33.61
C LYS A 112 -24.46 20.65 33.48
N TYR A 113 -24.93 21.13 32.34
CA TYR A 113 -26.36 21.36 32.10
C TYR A 113 -26.76 20.81 30.74
N SER A 114 -26.25 19.62 30.40
CA SER A 114 -26.47 19.03 29.09
C SER A 114 -26.92 17.58 29.24
N TRP A 115 -27.47 17.05 28.15
CA TRP A 115 -27.87 15.66 28.08
C TRP A 115 -26.71 14.83 27.53
N LYS A 116 -26.97 13.58 27.18
CA LYS A 116 -25.95 12.66 26.71
C LYS A 116 -26.13 12.25 25.25
N ALA A 117 -27.36 12.11 24.78
CA ALA A 117 -27.61 11.66 23.42
C ALA A 117 -27.26 12.75 22.41
N TRP A 118 -27.03 12.32 21.17
CA TRP A 118 -26.73 13.23 20.08
C TRP A 118 -27.85 13.29 19.04
N GLY A 119 -29.01 12.71 19.33
CA GLY A 119 -30.11 12.71 18.40
C GLY A 119 -31.40 13.26 18.98
N LYS A 120 -31.29 14.27 19.84
CA LYS A 120 -32.46 14.87 20.44
C LYS A 120 -33.29 15.63 19.40
N ALA A 121 -34.58 15.72 19.67
CA ALA A 121 -35.54 16.33 18.75
C ALA A 121 -36.19 17.55 19.41
N LYS A 122 -37.22 18.08 18.75
CA LYS A 122 -37.97 19.24 19.21
C LYS A 122 -37.06 20.47 19.33
N MET A 123 -36.49 20.86 18.20
CA MET A 123 -35.61 22.02 18.14
C MET A 123 -36.42 23.31 18.32
N LEU A 124 -35.93 24.20 19.17
CA LEU A 124 -36.56 25.48 19.44
C LEU A 124 -35.64 26.60 18.97
N SER A 125 -36.16 27.49 18.12
CA SER A 125 -35.37 28.58 17.59
C SER A 125 -34.90 29.51 18.70
N THR A 126 -33.66 29.98 18.59
CA THR A 126 -33.04 30.83 19.58
C THR A 126 -32.94 32.26 19.05
N GLU A 127 -32.41 33.15 19.89
CA GLU A 127 -32.26 34.56 19.54
C GLU A 127 -30.85 34.82 19.03
N LEU A 128 -30.53 36.09 18.81
CA LEU A 128 -29.20 36.50 18.36
C LEU A 128 -28.65 37.55 19.31
N HIS A 129 -27.39 37.41 19.67
CA HIS A 129 -26.71 38.32 20.60
C HIS A 129 -25.75 39.21 19.83
N ASN A 130 -25.28 40.26 20.50
CA ASN A 130 -24.29 41.15 19.91
C ASN A 130 -22.95 40.44 19.70
N HIS A 131 -22.67 39.39 20.46
CA HIS A 131 -21.47 38.58 20.28
C HIS A 131 -21.80 37.46 19.30
N THR A 132 -21.19 37.51 18.12
CA THR A 132 -21.44 36.54 17.07
C THR A 132 -20.19 35.71 16.81
N PHE A 133 -20.37 34.40 16.72
CA PHE A 133 -19.28 33.46 16.44
C PHE A 133 -19.51 32.90 15.05
N LEU A 134 -18.53 33.04 14.18
CA LEU A 134 -18.67 32.63 12.79
C LEU A 134 -18.06 31.25 12.57
N ILE A 135 -18.40 30.66 11.43
CA ILE A 135 -17.80 29.40 10.99
C ILE A 135 -17.18 29.68 9.61
N ASP A 136 -16.57 28.66 9.01
CA ASP A 136 -15.88 28.86 7.74
C ASP A 136 -16.83 29.38 6.68
N GLY A 137 -16.40 30.41 5.97
CA GLY A 137 -17.22 31.04 4.95
C GLY A 137 -16.52 32.25 4.35
N PRO A 138 -17.24 33.01 3.53
CA PRO A 138 -16.66 34.20 2.89
C PRO A 138 -16.63 35.40 3.85
N GLU A 139 -15.87 35.25 4.93
CA GLU A 139 -15.78 36.25 5.98
C GLU A 139 -14.34 36.73 6.19
N THR A 140 -13.58 36.83 5.11
CA THR A 140 -12.16 37.17 5.17
C THR A 140 -11.91 38.65 5.48
N ALA A 141 -12.92 39.44 5.83
CA ALA A 141 -12.73 40.87 6.10
C ALA A 141 -12.96 41.25 7.55
N GLU A 142 -14.10 40.87 8.13
CA GLU A 142 -14.40 41.27 9.50
C GLU A 142 -13.41 40.66 10.48
N CYS A 143 -13.09 39.37 10.31
CA CYS A 143 -12.15 38.69 11.19
C CYS A 143 -11.17 37.89 10.35
N PRO A 144 -9.87 38.08 10.55
CA PRO A 144 -8.87 37.34 9.78
C PRO A 144 -8.68 35.93 10.34
N ASN A 145 -7.88 35.14 9.64
CA ASN A 145 -7.60 33.78 10.08
C ASN A 145 -6.74 33.73 11.33
N THR A 146 -6.11 34.83 11.72
CA THR A 146 -5.32 34.85 12.95
C THR A 146 -6.17 34.58 14.18
N ASN A 147 -7.35 35.20 14.25
CA ASN A 147 -8.30 34.96 15.32
C ASN A 147 -9.26 33.83 15.00
N ARG A 148 -8.86 32.91 14.11
CA ARG A 148 -9.70 31.80 13.67
C ARG A 148 -9.00 30.49 13.99
N ALA A 149 -9.77 29.50 14.42
CA ALA A 149 -9.25 28.20 14.79
C ALA A 149 -9.33 27.23 13.62
N TRP A 150 -8.50 26.19 13.67
CA TRP A 150 -8.40 25.24 12.58
C TRP A 150 -7.74 23.96 13.07
N ASN A 151 -8.12 22.84 12.46
CA ASN A 151 -7.53 21.53 12.76
C ASN A 151 -7.63 21.20 14.25
N SER A 152 -8.81 21.46 14.81
CA SER A 152 -9.06 21.21 16.22
C SER A 152 -9.70 19.85 16.48
N LEU A 153 -10.01 19.08 15.44
CA LEU A 153 -10.70 17.81 15.58
C LEU A 153 -9.79 16.67 15.13
N GLU A 154 -10.24 15.44 15.42
CA GLU A 154 -9.50 14.24 15.06
C GLU A 154 -10.47 13.07 15.02
N VAL A 155 -10.22 12.14 14.10
CA VAL A 155 -11.09 10.98 13.93
C VAL A 155 -10.88 10.02 15.09
N GLU A 156 -11.98 9.63 15.74
CA GLU A 156 -11.89 8.70 16.86
C GLU A 156 -11.37 7.34 16.38
N ASP A 157 -10.54 6.72 17.22
CA ASP A 157 -10.00 5.40 16.87
C ASP A 157 -11.11 4.37 16.70
N TYR A 158 -12.11 4.41 17.58
CA TYR A 158 -13.30 3.60 17.44
C TYR A 158 -14.38 4.29 16.61
N GLY A 159 -14.06 5.40 15.97
CA GLY A 159 -15.04 6.17 15.23
C GLY A 159 -15.22 5.76 13.79
N PHE A 160 -14.75 4.56 13.43
CA PHE A 160 -14.77 4.07 12.05
C PHE A 160 -16.04 3.26 11.84
N GLY A 161 -17.03 3.86 11.20
CA GLY A 161 -18.24 3.17 10.80
C GLY A 161 -18.58 3.42 9.35
N VAL A 162 -18.58 2.37 8.53
CA VAL A 162 -18.76 2.53 7.09
C VAL A 162 -20.19 2.22 6.68
N PHE A 163 -20.82 1.25 7.33
CA PHE A 163 -22.24 0.98 7.12
C PHE A 163 -23.12 1.76 8.07
N THR A 164 -22.73 1.88 9.34
CA THR A 164 -23.44 2.75 10.26
C THR A 164 -23.24 4.19 9.85
N THR A 165 -24.34 4.91 9.64
CA THR A 165 -24.29 6.28 9.11
C THR A 165 -23.82 7.23 10.22
N ASN A 166 -22.55 7.07 10.58
CA ASN A 166 -21.95 7.88 11.63
C ASN A 166 -20.44 7.67 11.66
N ILE A 167 -19.71 8.69 12.07
CA ILE A 167 -18.26 8.64 12.27
C ILE A 167 -17.94 9.48 13.49
N TRP A 168 -17.54 8.84 14.58
CA TRP A 168 -17.22 9.55 15.81
C TRP A 168 -15.98 10.42 15.62
N LEU A 169 -16.04 11.64 16.18
CA LEU A 169 -14.92 12.58 16.12
C LEU A 169 -14.67 13.15 17.51
N LYS A 170 -13.39 13.36 17.82
CA LYS A 170 -12.96 13.96 19.07
C LYS A 170 -11.97 15.08 18.80
N LEU A 171 -11.87 16.01 19.73
CA LEU A 171 -10.93 17.11 19.60
C LEU A 171 -9.52 16.68 19.98
N LYS A 172 -8.53 17.27 19.33
CA LYS A 172 -7.15 16.91 19.56
C LYS A 172 -6.69 17.42 20.92
N GLU A 173 -5.65 16.76 21.44
CA GLU A 173 -5.04 17.17 22.70
C GLU A 173 -3.87 18.13 22.51
N ARG A 174 -3.52 18.45 21.27
CA ARG A 174 -2.38 19.33 20.99
C ARG A 174 -2.57 19.95 19.61
N GLN A 175 -1.87 21.05 19.39
CA GLN A 175 -1.87 21.69 18.08
C GLN A 175 -1.07 20.86 17.09
N ASP A 176 -1.55 20.80 15.84
CA ASP A 176 -0.89 20.03 14.82
C ASP A 176 -1.19 20.63 13.46
N VAL A 177 -0.35 20.28 12.48
CA VAL A 177 -0.51 20.76 11.12
C VAL A 177 -0.82 19.63 10.14
N PHE A 178 -0.43 18.40 10.44
CA PHE A 178 -0.65 17.29 9.53
C PHE A 178 -2.13 16.94 9.45
N CYS A 179 -2.49 16.21 8.39
CA CYS A 179 -3.86 15.81 8.17
C CYS A 179 -4.22 14.64 9.09
N ASP A 180 -5.48 14.21 9.02
CA ASP A 180 -5.94 13.11 9.86
C ASP A 180 -5.36 11.79 9.37
N SER A 181 -4.47 11.21 10.16
CA SER A 181 -3.85 9.95 9.80
C SER A 181 -4.76 8.75 10.03
N LYS A 182 -5.82 8.92 10.82
CA LYS A 182 -6.70 7.80 11.15
C LYS A 182 -7.49 7.29 9.96
N LEU A 183 -7.81 8.17 9.01
CA LEU A 183 -8.56 7.82 7.81
C LEU A 183 -7.68 8.24 6.63
N MET A 184 -6.79 7.35 6.22
CA MET A 184 -5.67 7.72 5.35
C MET A 184 -4.96 6.45 4.93
N SER A 185 -4.49 6.42 3.68
CA SER A 185 -3.91 5.19 3.15
C SER A 185 -2.99 5.49 1.99
N ALA A 186 -2.13 4.52 1.68
CA ALA A 186 -1.22 4.56 0.54
C ALA A 186 -0.78 3.13 0.25
N ALA A 187 -0.56 2.82 -1.03
CA ALA A 187 -0.21 1.46 -1.42
C ALA A 187 0.50 1.48 -2.77
N ILE A 188 1.13 0.35 -3.09
CA ILE A 188 1.81 0.17 -4.37
C ILE A 188 1.95 -1.32 -4.64
N LYS A 189 1.60 -1.74 -5.86
CA LYS A 189 1.76 -3.16 -6.22
C LYS A 189 2.29 -3.23 -7.65
N ASP A 190 3.62 -3.14 -7.78
CA ASP A 190 4.44 -3.62 -8.90
C ASP A 190 4.23 -2.86 -10.20
N ASN A 191 3.18 -2.06 -10.29
CA ASN A 191 3.02 -1.17 -11.44
C ASN A 191 2.50 0.22 -11.09
N ARG A 192 1.82 0.40 -9.97
CA ARG A 192 1.16 1.64 -9.63
C ARG A 192 1.33 1.93 -8.16
N ALA A 193 1.46 3.22 -7.84
CA ALA A 193 1.57 3.67 -6.45
C ALA A 193 0.53 4.76 -6.25
N VAL A 194 -0.38 4.54 -5.31
CA VAL A 194 -1.51 5.44 -5.10
C VAL A 194 -1.49 5.97 -3.68
N HIS A 195 -1.58 7.29 -3.55
CA HIS A 195 -1.79 7.96 -2.28
C HIS A 195 -3.22 8.47 -2.27
N ALA A 196 -3.97 8.15 -1.21
CA ALA A 196 -5.40 8.41 -1.25
C ALA A 196 -5.92 8.79 0.12
N ASP A 197 -6.98 9.59 0.11
CA ASP A 197 -7.79 9.88 1.28
C ASP A 197 -9.21 10.16 0.79
N MET A 198 -10.03 10.79 1.62
CA MET A 198 -11.38 11.14 1.20
C MET A 198 -11.42 12.14 0.05
N GLY A 199 -10.33 12.85 -0.21
CA GLY A 199 -10.36 13.87 -1.26
C GLY A 199 -9.35 13.68 -2.37
N TYR A 200 -8.26 12.98 -2.10
CA TYR A 200 -7.15 12.88 -3.03
C TYR A 200 -7.04 11.46 -3.59
N TRP A 201 -6.68 11.37 -4.86
CA TRP A 201 -6.41 10.10 -5.52
C TRP A 201 -5.12 10.19 -6.34
N ILE A 202 -4.06 10.69 -5.69
CA ILE A 202 -2.78 10.83 -6.36
C ILE A 202 -2.27 9.45 -6.77
N GLU A 203 -2.12 9.24 -8.07
CA GLU A 203 -1.73 7.96 -8.62
C GLU A 203 -0.50 8.13 -9.49
N SER A 204 0.50 7.27 -9.28
CA SER A 204 1.72 7.27 -10.07
C SER A 204 1.94 5.90 -10.69
N ALA A 205 2.62 5.89 -11.83
CA ALA A 205 2.84 4.67 -12.58
C ALA A 205 4.26 4.67 -13.12
N LEU A 206 4.71 3.50 -13.57
CA LEU A 206 6.07 3.31 -14.06
C LEU A 206 6.00 2.87 -15.53
N ASN A 207 6.54 3.69 -16.42
CA ASN A 207 6.73 3.33 -17.82
C ASN A 207 8.20 3.06 -18.12
N ASP A 208 9.07 4.03 -17.83
CA ASP A 208 10.52 3.84 -17.85
C ASP A 208 11.15 4.27 -16.53
N THR A 209 10.65 5.33 -15.91
CA THR A 209 11.04 5.75 -14.58
C THR A 209 9.78 6.10 -13.81
N TRP A 210 9.79 5.86 -12.51
CA TRP A 210 8.63 6.13 -11.69
C TRP A 210 8.29 7.62 -11.73
N LYS A 211 7.02 7.92 -11.98
CA LYS A 211 6.58 9.30 -12.15
C LYS A 211 5.08 9.36 -11.91
N ILE A 212 4.60 10.57 -11.62
CA ILE A 212 3.17 10.78 -11.43
C ILE A 212 2.44 10.60 -12.75
N GLU A 213 1.22 10.09 -12.69
CA GLU A 213 0.41 9.84 -13.88
C GLU A 213 -0.90 10.59 -13.88
N LYS A 214 -1.62 10.61 -12.76
CA LYS A 214 -2.89 11.31 -12.69
C LYS A 214 -3.23 11.57 -11.23
N ALA A 215 -4.13 12.53 -11.03
CA ALA A 215 -4.60 12.87 -9.69
C ALA A 215 -5.98 13.49 -9.80
N SER A 216 -6.81 13.23 -8.78
CA SER A 216 -8.16 13.76 -8.72
C SER A 216 -8.41 14.37 -7.35
N PHE A 217 -9.00 15.56 -7.33
CA PHE A 217 -9.29 16.26 -6.09
C PHE A 217 -10.74 16.70 -6.08
N ILE A 218 -11.46 16.37 -5.00
CA ILE A 218 -12.74 16.98 -4.71
C ILE A 218 -12.61 18.08 -3.66
N GLU A 219 -11.40 18.33 -3.18
CA GLU A 219 -11.12 19.37 -2.21
C GLU A 219 -9.64 19.70 -2.31
N VAL A 220 -9.28 20.91 -1.88
CA VAL A 220 -7.89 21.36 -1.87
C VAL A 220 -7.60 21.86 -0.46
N LYS A 221 -7.13 20.96 0.40
CA LYS A 221 -6.90 21.29 1.80
C LYS A 221 -5.56 22.00 1.98
N SER A 222 -5.21 22.27 3.23
CA SER A 222 -3.96 22.97 3.52
C SER A 222 -3.13 22.28 4.59
N CYS A 223 -3.53 21.09 5.04
CA CYS A 223 -2.74 20.35 6.01
C CYS A 223 -1.64 19.58 5.31
N HIS A 224 -0.46 19.55 5.93
CA HIS A 224 0.68 18.87 5.35
C HIS A 224 0.47 17.36 5.35
N TRP A 225 0.90 16.72 4.28
CA TRP A 225 0.77 15.27 4.16
C TRP A 225 1.78 14.60 5.09
N PRO A 226 1.34 13.77 6.03
CA PRO A 226 2.28 13.12 6.95
C PRO A 226 3.22 12.17 6.21
N LYS A 227 4.44 12.10 6.72
CA LYS A 227 5.45 11.23 6.12
C LYS A 227 5.30 9.78 6.51
N SER A 228 4.44 9.47 7.49
CA SER A 228 4.19 8.09 7.87
C SER A 228 3.43 7.31 6.82
N HIS A 229 2.87 7.99 5.81
CA HIS A 229 2.12 7.35 4.73
C HIS A 229 2.66 7.75 3.37
N THR A 230 3.97 8.00 3.28
CA THR A 230 4.61 8.45 2.05
C THR A 230 5.52 7.36 1.53
N LEU A 231 5.35 6.98 0.28
CA LEU A 231 6.20 5.99 -0.37
C LEU A 231 7.41 6.69 -0.99
N TRP A 232 8.60 6.17 -0.70
CA TRP A 232 9.84 6.70 -1.25
C TRP A 232 10.00 8.18 -0.93
N SER A 233 10.09 8.47 0.37
CA SER A 233 10.09 9.84 0.87
C SER A 233 11.47 10.33 1.28
N ASN A 234 12.53 9.78 0.70
CA ASN A 234 13.89 10.18 1.04
C ASN A 234 14.55 10.88 -0.14
N GLY A 235 15.34 11.91 0.16
CA GLY A 235 16.06 12.63 -0.86
C GLY A 235 15.20 13.37 -1.84
N VAL A 236 13.98 13.73 -1.45
CA VAL A 236 13.05 14.42 -2.34
C VAL A 236 13.20 15.92 -2.16
N LEU A 237 13.41 16.63 -3.27
CA LEU A 237 13.56 18.08 -3.24
C LEU A 237 12.19 18.75 -3.20
N GLU A 238 12.09 19.81 -2.42
CA GLU A 238 10.82 20.51 -2.25
C GLU A 238 10.46 21.39 -3.43
N SER A 239 11.33 21.53 -4.43
CA SER A 239 11.06 22.36 -5.59
C SER A 239 10.68 21.54 -6.81
N GLU A 240 10.34 20.26 -6.64
CA GLU A 240 10.10 19.40 -7.79
C GLU A 240 8.83 18.57 -7.72
N MET A 241 8.12 18.52 -6.60
CA MET A 241 6.87 17.78 -6.58
C MET A 241 5.82 18.52 -7.40
N ILE A 242 5.08 17.77 -8.21
CA ILE A 242 4.05 18.39 -9.05
C ILE A 242 2.98 19.04 -8.17
N ILE A 243 2.53 18.33 -7.15
CA ILE A 243 1.55 18.90 -6.21
C ILE A 243 2.30 19.64 -5.11
N PRO A 244 2.00 20.91 -4.87
CA PRO A 244 2.74 21.66 -3.85
C PRO A 244 2.52 21.09 -2.46
N LYS A 245 3.53 21.29 -1.61
CA LYS A 245 3.46 20.80 -0.24
C LYS A 245 2.36 21.51 0.55
N ASN A 246 2.08 22.78 0.23
CA ASN A 246 1.08 23.53 0.98
C ASN A 246 -0.32 22.97 0.77
N PHE A 247 -0.58 22.34 -0.37
CA PHE A 247 -1.90 21.80 -0.70
C PHE A 247 -1.98 20.30 -0.44
N ALA A 248 -1.34 19.84 0.64
CA ALA A 248 -1.38 18.43 1.04
C ALA A 248 -0.76 17.53 -0.01
N GLY A 249 0.32 18.01 -0.63
CA GLY A 249 1.08 17.19 -1.55
C GLY A 249 1.98 16.23 -0.79
N PRO A 250 1.97 14.96 -1.18
CA PRO A 250 2.82 13.97 -0.50
C PRO A 250 4.29 14.21 -0.84
N VAL A 251 5.11 14.35 0.20
CA VAL A 251 6.53 14.56 0.02
C VAL A 251 7.15 13.23 -0.37
N SER A 252 7.32 13.00 -1.67
CA SER A 252 7.78 11.72 -2.17
C SER A 252 8.41 11.90 -3.54
N GLN A 253 9.18 10.90 -3.94
CA GLN A 253 9.75 10.86 -5.28
C GLN A 253 8.75 10.38 -6.32
N HIS A 254 7.64 9.77 -5.90
CA HIS A 254 6.58 9.41 -6.83
C HIS A 254 5.75 10.61 -7.28
N ASN A 255 5.90 11.75 -6.59
CA ASN A 255 5.26 12.99 -6.99
C ASN A 255 6.09 13.78 -7.99
N TYR A 256 6.98 13.11 -8.71
CA TYR A 256 7.91 13.74 -9.63
C TYR A 256 7.43 13.59 -11.07
N ARG A 257 7.94 14.44 -11.93
CA ARG A 257 7.72 14.37 -13.37
C ARG A 257 8.82 15.12 -14.08
N PRO A 258 9.55 14.48 -14.99
CA PRO A 258 10.66 15.16 -15.66
C PRO A 258 10.17 16.33 -16.50
N GLY A 259 10.90 17.44 -16.42
CA GLY A 259 10.60 18.62 -17.19
C GLY A 259 9.63 19.59 -16.53
N TYR A 260 9.07 19.24 -15.38
CA TYR A 260 8.10 20.09 -14.70
C TYR A 260 8.53 20.29 -13.26
N HIS A 261 8.30 21.50 -12.75
CA HIS A 261 8.56 21.83 -11.36
C HIS A 261 7.24 22.03 -10.62
N THR A 262 7.33 22.48 -9.37
CA THR A 262 6.16 22.60 -8.52
C THR A 262 5.16 23.59 -9.09
N GLN A 263 3.88 23.22 -9.03
CA GLN A 263 2.79 24.03 -9.58
C GLN A 263 2.18 24.89 -8.47
N THR A 264 2.99 25.81 -7.96
CA THR A 264 2.55 26.65 -6.86
C THR A 264 1.46 27.64 -7.26
N ALA A 265 1.30 27.91 -8.55
CA ALA A 265 0.34 28.89 -9.03
C ALA A 265 -0.56 28.28 -10.10
N GLY A 266 -1.03 27.07 -9.85
CA GLY A 266 -2.00 26.44 -10.72
C GLY A 266 -3.39 26.95 -10.41
N PRO A 267 -4.38 26.53 -11.20
CA PRO A 267 -5.77 26.91 -10.98
C PRO A 267 -6.42 26.13 -9.83
N TRP A 268 -5.77 26.13 -8.67
CA TRP A 268 -6.28 25.42 -7.51
C TRP A 268 -7.51 26.08 -6.92
N HIS A 269 -7.81 27.33 -7.29
CA HIS A 269 -8.99 28.00 -6.76
C HIS A 269 -10.28 27.31 -7.15
N LEU A 270 -10.27 26.51 -8.23
CA LEU A 270 -11.40 25.65 -8.52
C LEU A 270 -11.50 24.56 -7.46
N GLY A 271 -12.74 24.25 -7.07
CA GLY A 271 -12.97 23.25 -6.05
C GLY A 271 -12.54 21.86 -6.45
N ARG A 272 -12.78 21.50 -7.71
CA ARG A 272 -12.48 20.17 -8.22
C ARG A 272 -11.47 20.28 -9.35
N LEU A 273 -10.53 19.34 -9.38
CA LEU A 273 -9.51 19.31 -10.42
C LEU A 273 -9.24 17.87 -10.83
N GLU A 274 -8.71 17.71 -12.05
CA GLU A 274 -8.33 16.40 -12.58
C GLU A 274 -7.03 16.57 -13.34
N MET A 275 -5.92 16.16 -12.72
CA MET A 275 -4.61 16.30 -13.33
C MET A 275 -4.29 15.07 -14.18
N ASP A 276 -3.82 15.31 -15.40
CA ASP A 276 -3.39 14.25 -16.29
C ASP A 276 -2.37 14.82 -17.26
N PHE A 277 -1.88 13.99 -18.18
CA PHE A 277 -0.85 14.37 -19.14
C PHE A 277 -1.35 14.05 -20.54
N ASP A 278 -2.04 15.02 -21.15
CA ASP A 278 -2.55 14.89 -22.50
C ASP A 278 -2.65 16.28 -23.12
N PHE A 279 -3.31 16.36 -24.27
CA PHE A 279 -3.53 17.61 -24.96
C PHE A 279 -4.97 18.08 -24.76
N CYS A 280 -5.13 19.36 -24.45
CA CYS A 280 -6.45 19.96 -24.47
C CYS A 280 -6.99 19.93 -25.89
N GLU A 281 -8.30 19.72 -26.01
CA GLU A 281 -8.91 19.53 -27.32
C GLU A 281 -8.69 20.74 -28.22
N GLY A 282 -8.26 20.47 -29.44
CA GLY A 282 -8.01 21.53 -30.41
C GLY A 282 -6.74 22.33 -30.19
N THR A 283 -5.86 21.87 -29.31
CA THR A 283 -4.64 22.59 -29.00
C THR A 283 -3.41 21.75 -29.34
N THR A 284 -2.32 22.43 -29.68
CA THR A 284 -1.06 21.77 -29.99
C THR A 284 0.06 22.45 -29.21
N VAL A 285 1.00 21.63 -28.73
CA VAL A 285 2.14 22.11 -27.96
C VAL A 285 3.40 21.70 -28.69
N VAL A 286 4.29 22.66 -28.93
CA VAL A 286 5.55 22.43 -29.63
C VAL A 286 6.69 22.90 -28.74
N VAL A 287 7.74 22.08 -28.65
CA VAL A 287 8.89 22.39 -27.81
C VAL A 287 9.76 23.41 -28.54
N THR A 288 10.04 24.53 -27.87
CA THR A 288 10.90 25.56 -28.43
C THR A 288 11.53 26.34 -27.30
N GLU A 289 12.76 26.80 -27.52
CA GLU A 289 13.52 27.49 -26.49
C GLU A 289 13.18 28.98 -26.39
N ASP A 290 12.50 29.54 -27.39
CA ASP A 290 12.16 30.96 -27.38
C ASP A 290 10.80 31.26 -26.77
N CYS A 291 10.09 30.24 -26.30
CA CYS A 291 8.81 30.47 -25.64
C CYS A 291 9.04 31.14 -24.29
N GLY A 292 8.00 31.82 -23.81
CA GLY A 292 8.11 32.59 -22.60
C GLY A 292 8.34 31.74 -21.37
N ASN A 293 8.84 32.39 -20.33
CA ASN A 293 9.13 31.71 -19.07
C ASN A 293 7.82 31.31 -18.37
N ARG A 294 7.95 30.39 -17.42
CA ARG A 294 6.78 29.88 -16.72
C ARG A 294 6.16 30.96 -15.84
N GLY A 295 4.83 31.04 -15.87
CA GLY A 295 4.09 31.96 -15.04
C GLY A 295 2.83 31.32 -14.50
N PRO A 296 1.84 32.14 -14.18
CA PRO A 296 0.56 31.59 -13.71
C PRO A 296 -0.13 30.77 -14.79
N SER A 297 -0.87 29.76 -14.36
CA SER A 297 -1.58 28.90 -15.29
C SER A 297 -2.65 29.70 -16.03
N LEU A 298 -2.85 29.35 -17.30
CA LEU A 298 -3.76 30.07 -18.18
C LEU A 298 -4.86 29.13 -18.65
N ARG A 299 -6.11 29.61 -18.58
CA ARG A 299 -7.23 28.88 -19.14
C ARG A 299 -7.14 28.89 -20.66
N THR A 300 -7.48 27.76 -21.28
CA THR A 300 -7.38 27.64 -22.72
C THR A 300 -8.42 28.46 -23.46
N THR A 301 -9.43 29.00 -22.78
CA THR A 301 -10.45 29.83 -23.38
C THR A 301 -10.35 31.25 -22.85
N THR A 302 -10.49 32.23 -23.74
CA THR A 302 -10.39 33.62 -23.37
C THR A 302 -11.68 34.08 -22.68
N ALA A 303 -11.76 35.38 -22.37
CA ALA A 303 -12.96 35.92 -21.74
C ALA A 303 -14.15 35.94 -22.69
N SER A 304 -13.91 35.84 -23.99
CA SER A 304 -14.98 35.76 -24.97
C SER A 304 -15.35 34.33 -25.34
N GLY A 305 -14.71 33.34 -24.73
CA GLY A 305 -14.98 31.95 -25.04
C GLY A 305 -14.22 31.40 -26.22
N LYS A 306 -13.43 32.22 -26.91
CA LYS A 306 -12.66 31.77 -28.06
C LYS A 306 -11.51 30.89 -27.61
N LEU A 307 -11.22 29.86 -28.40
CA LEU A 307 -10.18 28.90 -28.08
C LEU A 307 -8.82 29.36 -28.61
N ILE A 308 -7.79 29.14 -27.80
CA ILE A 308 -6.42 29.43 -28.21
C ILE A 308 -5.80 28.14 -28.74
N THR A 309 -5.39 28.14 -30.00
CA THR A 309 -5.00 26.90 -30.65
C THR A 309 -3.56 26.51 -30.33
N GLU A 310 -2.59 27.35 -30.69
CA GLU A 310 -1.18 26.99 -30.62
C GLU A 310 -0.58 27.38 -29.28
N TRP A 311 0.27 26.51 -28.75
CA TRP A 311 0.96 26.75 -27.49
C TRP A 311 2.40 26.27 -27.60
N CYS A 312 3.26 26.84 -26.78
CA CYS A 312 4.68 26.48 -26.75
C CYS A 312 5.13 26.22 -25.32
N CYS A 313 6.16 25.39 -25.19
CA CYS A 313 6.79 25.13 -23.91
C CYS A 313 8.30 25.21 -24.08
N ARG A 314 8.98 25.69 -23.03
CA ARG A 314 10.42 25.90 -23.11
C ARG A 314 11.17 24.59 -22.96
N SER A 315 11.01 23.92 -21.81
CA SER A 315 11.70 22.67 -21.53
C SER A 315 10.73 21.66 -20.92
N CYS A 316 9.53 21.58 -21.47
CA CYS A 316 8.52 20.65 -20.98
C CYS A 316 8.79 19.26 -21.56
N THR A 317 7.85 18.35 -21.36
CA THR A 317 7.95 16.99 -21.88
C THR A 317 6.56 16.54 -22.31
N LEU A 318 6.39 16.24 -23.59
CA LEU A 318 5.11 15.78 -24.08
C LEU A 318 4.81 14.39 -23.53
N PRO A 319 3.55 14.07 -23.22
CA PRO A 319 2.37 14.95 -23.34
C PRO A 319 2.34 16.04 -22.27
N PRO A 320 1.79 17.20 -22.60
CA PRO A 320 1.79 18.32 -21.65
C PRO A 320 0.87 18.06 -20.46
N LEU A 321 1.18 18.74 -19.37
CA LEU A 321 0.38 18.66 -18.15
C LEU A 321 -0.81 19.60 -18.27
N ARG A 322 -2.02 19.07 -18.10
CA ARG A 322 -3.24 19.86 -18.21
C ARG A 322 -4.23 19.44 -17.14
N TYR A 323 -5.13 20.36 -16.80
CA TYR A 323 -6.09 20.18 -15.72
C TYR A 323 -7.51 20.16 -16.28
N ARG A 324 -8.34 19.29 -15.72
CA ARG A 324 -9.77 19.25 -16.02
C ARG A 324 -10.53 19.77 -14.81
N GLY A 325 -11.22 20.89 -14.98
CA GLY A 325 -12.04 21.43 -13.92
C GLY A 325 -13.41 21.83 -14.42
N GLU A 326 -14.06 22.76 -13.72
CA GLU A 326 -15.32 23.32 -14.16
C GLU A 326 -15.14 24.50 -15.11
N ASP A 327 -13.89 24.84 -15.44
CA ASP A 327 -13.60 25.98 -16.28
C ASP A 327 -13.13 25.59 -17.68
N GLY A 328 -12.82 24.33 -17.92
CA GLY A 328 -12.32 23.91 -19.21
C GLY A 328 -11.07 23.07 -19.13
N CYS A 329 -9.96 23.56 -19.69
CA CYS A 329 -8.71 22.82 -19.73
C CYS A 329 -7.58 23.82 -19.47
N TRP A 330 -6.98 23.76 -18.29
CA TRP A 330 -5.88 24.64 -17.93
C TRP A 330 -4.55 23.93 -18.13
N TYR A 331 -3.59 24.64 -18.71
CA TYR A 331 -2.25 24.09 -18.91
C TYR A 331 -1.36 24.45 -17.72
N GLY A 332 -0.20 23.80 -17.66
CA GLY A 332 0.72 24.03 -16.57
C GLY A 332 1.49 25.32 -16.70
N MET A 333 2.39 25.54 -15.74
CA MET A 333 3.20 26.76 -15.74
C MET A 333 4.07 26.86 -16.99
N GLU A 334 4.70 25.76 -17.38
CA GLU A 334 5.68 25.75 -18.45
C GLU A 334 5.07 25.83 -19.84
N ILE A 335 3.76 26.06 -19.95
CA ILE A 335 3.08 26.15 -21.24
C ILE A 335 2.58 27.57 -21.41
N ARG A 336 2.93 28.19 -22.53
CA ARG A 336 2.55 29.56 -22.84
C ARG A 336 2.00 29.65 -24.26
N PRO A 337 1.16 30.64 -24.54
CA PRO A 337 0.69 30.82 -25.91
C PRO A 337 1.84 31.08 -26.87
N LEU A 338 1.75 30.50 -28.07
CA LEU A 338 2.83 30.63 -29.04
C LEU A 338 2.97 32.06 -29.52
N LYS A 339 1.86 32.73 -29.81
CA LYS A 339 1.88 34.12 -30.28
C LYS A 339 0.88 35.02 -29.59
N GLU A 340 -0.16 34.49 -28.96
CA GLU A 340 -1.13 35.34 -28.28
C GLU A 340 -0.53 35.91 -27.00
N LYS A 341 -0.95 37.13 -26.68
CA LYS A 341 -0.44 37.83 -25.50
C LYS A 341 -1.32 37.58 -24.29
N ASP B 1 -9.18 -4.75 -10.41
CA ASP B 1 -8.86 -3.80 -9.34
C ASP B 1 -10.11 -3.39 -8.58
N SER B 2 -11.26 -3.87 -9.03
CA SER B 2 -12.55 -3.58 -8.41
C SER B 2 -13.19 -4.89 -7.96
N GLY B 3 -13.69 -4.91 -6.74
CA GLY B 3 -14.33 -6.10 -6.21
C GLY B 3 -14.83 -5.86 -4.81
N CYS B 4 -15.41 -6.91 -4.23
CA CYS B 4 -15.97 -6.87 -2.89
C CYS B 4 -15.19 -7.85 -2.01
N VAL B 5 -14.72 -7.36 -0.85
CA VAL B 5 -13.92 -8.15 0.07
C VAL B 5 -14.55 -8.05 1.46
N VAL B 6 -14.72 -9.19 2.10
CA VAL B 6 -15.24 -9.25 3.47
C VAL B 6 -14.08 -9.09 4.45
N SER B 7 -14.36 -8.45 5.58
CA SER B 7 -13.36 -8.24 6.62
C SER B 7 -13.82 -8.94 7.89
N TRP B 8 -13.03 -9.90 8.36
CA TRP B 8 -13.38 -10.65 9.56
C TRP B 8 -13.18 -9.83 10.83
N LYS B 9 -12.09 -9.08 10.92
CA LYS B 9 -11.82 -8.31 12.13
C LYS B 9 -12.88 -7.25 12.37
N ASN B 10 -13.28 -6.54 11.32
CA ASN B 10 -14.28 -5.47 11.45
C ASN B 10 -15.70 -5.97 11.23
N LYS B 11 -15.89 -7.23 10.86
CA LYS B 11 -17.20 -7.80 10.55
C LYS B 11 -17.94 -6.95 9.51
N GLU B 12 -17.21 -6.44 8.53
CA GLU B 12 -17.76 -5.55 7.52
C GLU B 12 -17.34 -6.00 6.14
N LEU B 13 -17.88 -5.32 5.12
CA LEU B 13 -17.60 -5.60 3.72
C LEU B 13 -17.02 -4.37 3.07
N LYS B 14 -16.02 -4.57 2.21
CA LYS B 14 -15.37 -3.49 1.48
C LYS B 14 -15.61 -3.71 -0.01
N CYS B 15 -16.28 -2.75 -0.64
CA CYS B 15 -16.59 -2.81 -2.07
C CYS B 15 -16.16 -1.51 -2.73
N GLY B 16 -15.42 -1.62 -3.82
CA GLY B 16 -14.97 -0.43 -4.53
C GLY B 16 -13.79 -0.76 -5.42
N SER B 17 -13.05 0.28 -5.78
CA SER B 17 -11.87 0.16 -6.63
C SER B 17 -10.62 0.44 -5.82
N GLY B 18 -9.48 0.04 -6.38
CA GLY B 18 -8.21 0.24 -5.72
C GLY B 18 -7.22 -0.89 -5.93
N ILE B 19 -6.28 -1.03 -5.00
CA ILE B 19 -5.22 -2.03 -5.10
C ILE B 19 -5.36 -2.99 -3.92
N PHE B 20 -5.34 -4.29 -4.21
CA PHE B 20 -5.38 -5.33 -3.20
C PHE B 20 -4.03 -6.03 -3.15
N ILE B 21 -3.58 -6.37 -1.94
CA ILE B 21 -2.28 -6.96 -1.71
C ILE B 21 -2.48 -8.43 -1.41
N THR B 22 -1.96 -9.29 -2.29
CA THR B 22 -2.00 -10.73 -2.04
C THR B 22 -0.96 -11.12 -0.98
N ASP B 23 -1.31 -12.14 -0.19
CA ASP B 23 -0.39 -12.60 0.85
C ASP B 23 0.84 -13.26 0.23
N ASN B 24 0.62 -14.37 -0.49
CA ASN B 24 1.67 -15.10 -1.20
C ASN B 24 2.81 -15.55 -0.30
N VAL B 25 2.61 -15.51 1.02
CA VAL B 25 3.63 -15.97 1.96
C VAL B 25 3.11 -16.99 2.97
N HIS B 26 1.81 -17.04 3.25
CA HIS B 26 1.21 -18.14 3.99
C HIS B 26 0.25 -18.92 3.09
N THR B 27 -0.17 -20.07 3.59
CA THR B 27 -1.23 -20.89 2.99
C THR B 27 -0.88 -21.25 1.53
N TRP B 28 0.17 -22.05 1.40
CA TRP B 28 0.57 -22.62 0.11
C TRP B 28 0.85 -21.53 -0.92
N THR B 29 1.92 -20.78 -0.64
CA THR B 29 2.38 -19.72 -1.53
C THR B 29 2.38 -20.18 -2.98
N GLU B 30 1.55 -19.53 -3.81
CA GLU B 30 1.32 -19.97 -5.17
C GLU B 30 1.28 -18.75 -6.08
N GLN B 31 1.95 -18.85 -7.22
CA GLN B 31 2.72 -20.04 -7.59
C GLN B 31 4.19 -19.71 -7.81
N TYR B 32 4.44 -18.64 -8.57
CA TYR B 32 5.77 -18.21 -8.96
C TYR B 32 6.56 -19.37 -9.58
N LYS B 33 5.92 -19.97 -10.58
CA LYS B 33 6.56 -21.03 -11.37
C LYS B 33 7.62 -20.42 -12.28
N PHE B 34 8.36 -21.28 -12.98
CA PHE B 34 9.61 -20.88 -13.62
C PHE B 34 9.76 -21.44 -15.03
N GLN B 35 9.63 -20.56 -16.01
CA GLN B 35 10.01 -20.80 -17.40
C GLN B 35 10.75 -19.58 -17.91
N PRO B 36 12.07 -19.66 -18.10
CA PRO B 36 12.84 -18.48 -18.51
C PRO B 36 12.62 -18.12 -19.97
N GLU B 37 13.37 -17.13 -20.45
CA GLU B 37 13.28 -16.69 -21.84
C GLU B 37 14.00 -17.72 -22.72
N SER B 38 14.29 -17.34 -23.96
CA SER B 38 14.84 -18.27 -24.93
C SER B 38 16.11 -18.92 -24.38
N PRO B 39 16.19 -20.26 -24.35
CA PRO B 39 17.35 -20.92 -23.76
C PRO B 39 18.64 -20.65 -24.50
N SER B 40 18.58 -20.30 -25.78
CA SER B 40 19.80 -20.04 -26.54
C SER B 40 20.56 -18.85 -25.99
N LYS B 41 19.85 -17.82 -25.51
CA LYS B 41 20.51 -16.67 -24.92
C LYS B 41 21.19 -17.05 -23.60
N LEU B 42 20.46 -17.74 -22.72
CA LEU B 42 21.05 -18.15 -21.45
C LEU B 42 22.18 -19.16 -21.65
N ALA B 43 22.02 -20.09 -22.58
CA ALA B 43 23.10 -21.04 -22.85
C ALA B 43 24.35 -20.33 -23.34
N SER B 44 24.19 -19.38 -24.28
CA SER B 44 25.34 -18.62 -24.75
C SER B 44 25.92 -17.72 -23.66
N ALA B 45 25.09 -17.35 -22.68
CA ALA B 45 25.55 -16.49 -21.59
C ALA B 45 26.51 -17.19 -20.66
N ILE B 46 26.64 -18.51 -20.73
CA ILE B 46 27.44 -19.24 -19.75
C ILE B 46 28.89 -19.31 -20.19
N GLN B 47 29.15 -19.87 -21.37
CA GLN B 47 30.53 -20.08 -21.79
C GLN B 47 31.27 -18.76 -22.01
N LYS B 48 30.59 -17.73 -22.50
CA LYS B 48 31.24 -16.42 -22.61
C LYS B 48 31.61 -15.88 -21.23
N ALA B 49 30.72 -16.04 -20.25
CA ALA B 49 31.08 -15.72 -18.88
C ALA B 49 32.10 -16.69 -18.32
N HIS B 50 32.00 -17.98 -18.68
CA HIS B 50 32.99 -18.95 -18.24
C HIS B 50 34.37 -18.62 -18.80
N GLU B 51 34.45 -18.18 -20.05
CA GLU B 51 35.72 -17.72 -20.60
C GLU B 51 36.24 -16.50 -19.84
N GLU B 52 35.33 -15.63 -19.37
CA GLU B 52 35.75 -14.49 -18.57
C GLU B 52 36.39 -14.92 -17.26
N GLY B 53 35.91 -16.02 -16.69
CA GLY B 53 36.51 -16.54 -15.47
C GLY B 53 35.52 -16.80 -14.35
N ILE B 54 34.23 -16.87 -14.69
CA ILE B 54 33.21 -17.21 -13.69
C ILE B 54 33.25 -18.71 -13.42
N CYS B 55 32.84 -19.10 -12.22
CA CYS B 55 32.85 -20.49 -11.83
C CYS B 55 31.51 -21.03 -11.34
N GLY B 56 30.56 -20.17 -11.01
CA GLY B 56 29.28 -20.64 -10.52
C GLY B 56 28.26 -19.53 -10.49
N ILE B 57 27.04 -19.90 -10.07
CA ILE B 57 25.93 -18.98 -9.92
C ILE B 57 25.33 -19.14 -8.54
N ARG B 58 25.08 -18.02 -7.87
CA ARG B 58 24.25 -18.01 -6.67
C ARG B 58 22.86 -17.50 -7.02
N SER B 59 21.90 -17.77 -6.15
CA SER B 59 20.52 -17.39 -6.36
C SER B 59 20.14 -16.27 -5.40
N VAL B 60 19.20 -15.42 -5.82
CA VAL B 60 18.79 -14.30 -4.97
C VAL B 60 17.51 -14.62 -4.22
N THR B 61 16.59 -15.34 -4.85
CA THR B 61 15.35 -15.77 -4.22
C THR B 61 15.33 -17.29 -4.10
N ARG B 62 14.69 -17.76 -3.03
CA ARG B 62 14.74 -19.19 -2.71
C ARG B 62 14.16 -20.03 -3.85
N LEU B 63 13.10 -19.54 -4.48
CA LEU B 63 12.51 -20.26 -5.60
C LEU B 63 13.44 -20.33 -6.81
N GLU B 64 14.28 -19.30 -7.02
CA GLU B 64 15.16 -19.30 -8.18
C GLU B 64 16.07 -20.53 -8.20
N ASN B 65 16.41 -21.07 -7.03
CA ASN B 65 17.15 -22.32 -7.01
C ASN B 65 16.37 -23.44 -7.68
N LEU B 66 15.05 -23.47 -7.51
CA LEU B 66 14.23 -24.47 -8.16
C LEU B 66 14.25 -24.35 -9.67
N MET B 67 14.35 -23.13 -10.21
CA MET B 67 14.40 -22.97 -11.66
C MET B 67 15.64 -23.65 -12.22
N TRP B 68 16.79 -23.48 -11.56
CA TRP B 68 18.00 -24.15 -12.01
C TRP B 68 17.88 -25.66 -11.84
N LYS B 69 17.23 -26.12 -10.77
CA LYS B 69 17.10 -27.54 -10.53
C LYS B 69 16.29 -28.25 -11.60
N GLN B 70 15.56 -27.51 -12.43
CA GLN B 70 14.76 -28.11 -13.50
C GLN B 70 15.09 -27.55 -14.87
N ILE B 71 16.20 -26.83 -15.01
CA ILE B 71 16.60 -26.28 -16.30
C ILE B 71 17.92 -26.84 -16.79
N THR B 72 18.83 -27.22 -15.89
CA THR B 72 20.14 -27.75 -16.26
C THR B 72 20.07 -28.94 -17.23
N PRO B 73 19.05 -29.82 -17.16
CA PRO B 73 18.93 -30.83 -18.23
C PRO B 73 18.82 -30.21 -19.61
N GLU B 74 18.11 -29.09 -19.73
CA GLU B 74 18.05 -28.39 -21.02
C GLU B 74 19.36 -27.70 -21.34
N LEU B 75 19.98 -27.04 -20.35
CA LEU B 75 21.22 -26.32 -20.59
C LEU B 75 22.35 -27.27 -20.97
N ASN B 76 22.43 -28.42 -20.31
CA ASN B 76 23.49 -29.38 -20.62
C ASN B 76 23.37 -29.90 -22.04
N HIS B 77 22.15 -30.07 -22.55
CA HIS B 77 21.96 -30.60 -23.89
C HIS B 77 22.38 -29.60 -24.96
N ILE B 78 21.95 -28.34 -24.82
CA ILE B 78 22.19 -27.37 -25.86
C ILE B 78 23.68 -27.06 -25.99
N LEU B 79 24.39 -26.88 -24.87
CA LEU B 79 25.82 -26.59 -24.97
C LEU B 79 26.60 -27.77 -25.52
N THR B 80 26.19 -29.00 -25.17
CA THR B 80 26.83 -30.17 -25.75
C THR B 80 26.52 -30.29 -27.24
N GLU B 81 25.34 -29.82 -27.66
CA GLU B 81 25.03 -29.77 -29.09
C GLU B 81 25.95 -28.81 -29.83
N ASN B 82 26.50 -27.81 -29.13
CA ASN B 82 27.51 -26.92 -29.70
C ASN B 82 28.92 -27.34 -29.35
N GLU B 83 29.12 -28.64 -29.09
CA GLU B 83 30.41 -29.23 -28.69
C GLU B 83 31.18 -28.31 -27.74
N VAL B 84 30.50 -27.91 -26.66
CA VAL B 84 31.11 -27.12 -25.61
C VAL B 84 31.42 -28.03 -24.44
N LYS B 85 32.70 -28.10 -24.05
CA LYS B 85 33.15 -28.97 -22.97
C LYS B 85 32.79 -28.32 -21.65
N LEU B 86 31.51 -28.45 -21.28
CA LEU B 86 31.01 -27.88 -20.04
C LEU B 86 29.92 -28.79 -19.49
N THR B 87 29.70 -28.67 -18.18
CA THR B 87 28.66 -29.42 -17.50
C THR B 87 28.15 -28.60 -16.33
N ILE B 88 26.89 -28.82 -15.96
CA ILE B 88 26.21 -28.02 -14.95
C ILE B 88 25.63 -28.97 -13.90
N MET B 89 25.91 -28.68 -12.63
CA MET B 89 25.32 -29.42 -11.51
C MET B 89 24.78 -28.41 -10.50
N THR B 90 23.52 -28.55 -10.14
CA THR B 90 22.92 -27.74 -9.09
C THR B 90 22.96 -28.47 -7.76
N GLY B 91 22.60 -27.75 -6.70
CA GLY B 91 22.60 -28.32 -5.37
C GLY B 91 21.51 -27.77 -4.48
N ASP B 92 21.55 -28.13 -3.20
CA ASP B 92 20.57 -27.67 -2.23
C ASP B 92 20.92 -26.25 -1.78
N ILE B 93 20.20 -25.74 -0.79
CA ILE B 93 20.36 -24.36 -0.35
C ILE B 93 19.96 -24.25 1.11
N LYS B 94 20.59 -23.30 1.81
CA LYS B 94 20.29 -23.04 3.21
C LYS B 94 20.80 -21.64 3.56
N GLY B 95 20.12 -20.99 4.51
CA GLY B 95 20.52 -19.67 4.93
C GLY B 95 21.86 -19.68 5.65
N ILE B 96 22.57 -18.56 5.58
CA ILE B 96 22.12 -17.35 4.88
C ILE B 96 22.44 -17.48 3.41
N MET B 97 21.50 -17.05 2.56
CA MET B 97 21.68 -17.11 1.12
C MET B 97 22.75 -16.11 0.73
N GLN B 98 23.96 -16.61 0.45
CA GLN B 98 25.09 -15.74 0.14
C GLN B 98 24.89 -15.05 -1.21
N ALA B 99 25.71 -14.03 -1.45
CA ALA B 99 25.66 -13.25 -2.67
C ALA B 99 27.03 -13.18 -3.31
N GLY B 100 27.07 -13.27 -4.63
CA GLY B 100 28.30 -13.19 -5.38
C GLY B 100 28.75 -11.76 -5.61
N LYS B 101 29.76 -11.62 -6.47
CA LYS B 101 30.36 -10.31 -6.72
C LYS B 101 30.11 -9.77 -8.12
N ARG B 102 29.95 -10.63 -9.12
CA ARG B 102 29.67 -10.17 -10.48
C ARG B 102 28.42 -10.82 -11.03
N SER B 103 28.14 -10.63 -12.32
CA SER B 103 26.90 -11.12 -12.89
C SER B 103 27.08 -11.39 -14.38
N LEU B 104 26.03 -11.94 -14.99
CA LEU B 104 26.02 -12.22 -16.41
C LEU B 104 25.65 -10.97 -17.20
N ARG B 105 25.70 -11.09 -18.53
CA ARG B 105 25.39 -9.98 -19.42
C ARG B 105 25.28 -10.51 -20.84
N PRO B 106 24.42 -9.92 -21.67
CA PRO B 106 24.48 -10.15 -23.11
C PRO B 106 25.55 -9.26 -23.73
N GLN B 107 26.11 -9.66 -24.90
CA GLN B 107 25.85 -10.82 -25.80
C GLN B 107 24.42 -11.30 -26.04
N PRO B 108 23.64 -10.50 -26.76
CA PRO B 108 22.32 -10.98 -27.21
C PRO B 108 22.40 -11.90 -28.42
N THR B 109 23.56 -12.01 -29.05
CA THR B 109 23.76 -12.94 -30.17
C THR B 109 23.83 -14.35 -29.60
N GLU B 110 22.76 -15.11 -29.75
CA GLU B 110 22.62 -16.42 -29.15
C GLU B 110 23.12 -17.51 -30.08
N LEU B 111 23.07 -18.75 -29.61
CA LEU B 111 23.49 -19.88 -30.42
C LEU B 111 22.50 -20.14 -31.54
N LYS B 112 23.01 -20.58 -32.69
CA LYS B 112 22.20 -20.79 -33.88
C LYS B 112 21.95 -22.26 -34.17
N TYR B 113 22.22 -23.14 -33.20
CA TYR B 113 22.05 -24.58 -33.37
C TYR B 113 21.04 -25.11 -32.36
N SER B 114 19.93 -24.41 -32.20
CA SER B 114 18.92 -24.77 -31.21
C SER B 114 17.53 -24.74 -31.85
N TRP B 115 16.59 -25.35 -31.15
CA TRP B 115 15.19 -25.37 -31.55
C TRP B 115 14.50 -24.11 -31.04
N LYS B 116 13.18 -24.07 -31.12
CA LYS B 116 12.39 -22.92 -30.70
C LYS B 116 11.52 -23.20 -29.49
N ALA B 117 10.91 -24.38 -29.40
CA ALA B 117 10.00 -24.69 -28.30
C ALA B 117 10.77 -24.93 -27.00
N TRP B 118 10.10 -24.63 -25.89
CA TRP B 118 10.65 -24.85 -24.56
C TRP B 118 10.25 -26.21 -23.98
N GLY B 119 9.43 -26.98 -24.68
CA GLY B 119 8.94 -28.23 -24.17
C GLY B 119 9.30 -29.42 -25.03
N LYS B 120 10.54 -29.45 -25.52
CA LYS B 120 10.97 -30.53 -26.39
C LYS B 120 11.08 -31.85 -25.63
N ALA B 121 11.12 -32.93 -26.38
CA ALA B 121 11.11 -34.29 -25.86
C ALA B 121 12.41 -35.00 -26.25
N LYS B 122 12.44 -36.31 -26.00
CA LYS B 122 13.58 -37.19 -26.30
C LYS B 122 14.90 -36.59 -25.82
N MET B 123 14.91 -36.20 -24.55
CA MET B 123 16.12 -35.66 -23.93
C MET B 123 17.21 -36.71 -23.89
N LEU B 124 18.42 -36.32 -24.28
CA LEU B 124 19.57 -37.21 -24.32
C LEU B 124 20.59 -36.74 -23.30
N SER B 125 21.06 -37.67 -22.46
CA SER B 125 22.03 -37.34 -21.43
C SER B 125 23.38 -36.98 -22.05
N THR B 126 24.13 -36.15 -21.35
CA THR B 126 25.43 -35.67 -21.81
C THR B 126 26.55 -36.32 -20.99
N GLU B 127 27.78 -36.04 -21.39
CA GLU B 127 28.96 -36.58 -20.72
C GLU B 127 29.48 -35.56 -19.72
N LEU B 128 30.65 -35.83 -19.13
CA LEU B 128 31.27 -34.94 -18.17
C LEU B 128 32.67 -34.57 -18.65
N HIS B 129 33.03 -33.30 -18.50
CA HIS B 129 34.33 -32.79 -18.92
C HIS B 129 35.10 -32.33 -17.69
N ASN B 130 36.38 -32.01 -17.92
CA ASN B 130 37.20 -31.46 -16.84
C ASN B 130 36.73 -30.07 -16.41
N HIS B 131 35.99 -29.37 -17.27
CA HIS B 131 35.45 -28.05 -16.94
C HIS B 131 34.05 -28.24 -16.38
N THR B 132 33.89 -27.98 -15.08
CA THR B 132 32.61 -28.09 -14.40
C THR B 132 32.18 -26.73 -13.90
N PHE B 133 30.92 -26.37 -14.17
CA PHE B 133 30.36 -25.09 -13.76
C PHE B 133 29.30 -25.35 -12.69
N LEU B 134 29.45 -24.70 -11.54
CA LEU B 134 28.62 -24.98 -10.39
C LEU B 134 27.45 -24.00 -10.30
N ILE B 135 26.53 -24.31 -9.39
CA ILE B 135 25.45 -23.40 -9.02
C ILE B 135 25.44 -23.35 -7.50
N ASP B 136 24.45 -22.65 -6.93
CA ASP B 136 24.40 -22.48 -5.49
C ASP B 136 24.34 -23.83 -4.78
N GLY B 137 25.12 -23.96 -3.71
CA GLY B 137 25.18 -25.18 -2.94
C GLY B 137 26.21 -25.08 -1.83
N PRO B 138 26.45 -26.19 -1.13
CA PRO B 138 27.46 -26.20 -0.06
C PRO B 138 28.88 -26.33 -0.60
N GLU B 139 29.27 -25.36 -1.43
CA GLU B 139 30.55 -25.37 -2.13
C GLU B 139 31.39 -24.16 -1.77
N THR B 140 31.32 -23.71 -0.52
CA THR B 140 32.02 -22.51 -0.06
C THR B 140 33.52 -22.72 0.11
N ALA B 141 34.10 -23.84 -0.32
CA ALA B 141 35.52 -24.10 -0.17
C ALA B 141 36.28 -24.10 -1.48
N GLU B 142 35.81 -24.86 -2.48
CA GLU B 142 36.56 -24.97 -3.73
C GLU B 142 36.54 -23.65 -4.49
N CYS B 143 35.37 -23.04 -4.65
CA CYS B 143 35.24 -21.77 -5.34
C CYS B 143 34.41 -20.82 -4.48
N PRO B 144 34.95 -19.67 -4.09
CA PRO B 144 34.21 -18.73 -3.27
C PRO B 144 33.22 -17.93 -4.12
N ASN B 145 32.43 -17.10 -3.44
CA ASN B 145 31.43 -16.29 -4.12
C ASN B 145 32.06 -15.19 -4.97
N THR B 146 33.35 -14.92 -4.79
CA THR B 146 34.01 -13.89 -5.60
C THR B 146 34.02 -14.29 -7.07
N ASN B 147 34.26 -15.56 -7.37
CA ASN B 147 34.20 -16.08 -8.73
C ASN B 147 32.83 -16.63 -9.08
N ARG B 148 31.79 -16.19 -8.37
CA ARG B 148 30.43 -16.67 -8.57
C ARG B 148 29.52 -15.50 -8.92
N ALA B 149 28.66 -15.72 -9.90
CA ALA B 149 27.72 -14.68 -10.35
C ALA B 149 26.46 -14.70 -9.50
N TRP B 150 25.79 -13.56 -9.45
CA TRP B 150 24.65 -13.39 -8.56
C TRP B 150 23.77 -12.25 -9.06
N ASN B 151 22.46 -12.40 -8.87
CA ASN B 151 21.48 -11.38 -9.25
C ASN B 151 21.60 -11.00 -10.72
N SER B 152 21.85 -12.01 -11.56
CA SER B 152 22.01 -11.82 -12.99
C SER B 152 20.69 -11.76 -13.74
N LEU B 153 19.59 -12.19 -13.10
CA LEU B 153 18.30 -12.31 -13.77
C LEU B 153 17.36 -11.22 -13.30
N GLU B 154 16.22 -11.13 -13.98
CA GLU B 154 15.19 -10.14 -13.65
C GLU B 154 13.86 -10.65 -14.14
N VAL B 155 12.80 -10.35 -13.40
CA VAL B 155 11.46 -10.82 -13.75
C VAL B 155 10.95 -10.03 -14.94
N GLU B 156 10.56 -10.75 -15.99
CA GLU B 156 10.09 -10.09 -17.21
C GLU B 156 8.82 -9.30 -16.95
N ASP B 157 8.69 -8.17 -17.64
CA ASP B 157 7.55 -7.29 -17.42
C ASP B 157 6.24 -7.98 -17.78
N TYR B 158 6.21 -8.67 -18.92
CA TYR B 158 5.03 -9.43 -19.33
C TYR B 158 5.06 -10.87 -18.83
N GLY B 159 6.10 -11.26 -18.11
CA GLY B 159 6.22 -12.62 -17.62
C GLY B 159 5.60 -12.83 -16.25
N PHE B 160 4.45 -12.18 -16.01
CA PHE B 160 3.76 -12.29 -14.73
C PHE B 160 2.55 -13.18 -14.92
N GLY B 161 2.64 -14.42 -14.41
CA GLY B 161 1.52 -15.34 -14.43
C GLY B 161 1.20 -15.88 -13.05
N VAL B 162 0.03 -15.54 -12.53
CA VAL B 162 -0.37 -15.99 -11.20
C VAL B 162 -1.21 -17.25 -11.33
N PHE B 163 -1.89 -17.41 -12.47
CA PHE B 163 -2.65 -18.61 -12.77
C PHE B 163 -1.92 -19.51 -13.76
N THR B 164 -1.40 -18.93 -14.85
CA THR B 164 -0.56 -19.69 -15.76
C THR B 164 0.77 -20.00 -15.08
N THR B 165 1.14 -21.29 -15.07
CA THR B 165 2.30 -21.76 -14.31
C THR B 165 3.59 -21.38 -15.04
N ASN B 166 3.87 -20.08 -15.05
CA ASN B 166 5.10 -19.59 -15.66
C ASN B 166 5.37 -18.16 -15.19
N ILE B 167 6.65 -17.87 -14.95
CA ILE B 167 7.12 -16.51 -14.73
C ILE B 167 8.36 -16.34 -15.60
N TRP B 168 8.21 -15.58 -16.69
CA TRP B 168 9.31 -15.40 -17.62
C TRP B 168 10.38 -14.49 -17.01
N LEU B 169 11.64 -14.82 -17.28
CA LEU B 169 12.77 -14.09 -16.74
C LEU B 169 13.79 -13.80 -17.83
N LYS B 170 14.39 -12.61 -17.77
CA LYS B 170 15.49 -12.24 -18.65
C LYS B 170 16.63 -11.68 -17.80
N LEU B 171 17.85 -11.84 -18.32
CA LEU B 171 19.03 -11.37 -17.61
C LEU B 171 19.14 -9.84 -17.69
N LYS B 172 19.64 -9.24 -16.62
CA LYS B 172 19.69 -7.80 -16.51
C LYS B 172 20.72 -7.21 -17.48
N GLU B 173 20.58 -5.92 -17.75
CA GLU B 173 21.47 -5.20 -18.65
C GLU B 173 22.55 -4.42 -17.90
N ARG B 174 22.55 -4.44 -16.58
CA ARG B 174 23.52 -3.67 -15.82
C ARG B 174 23.72 -4.32 -14.45
N GLN B 175 24.85 -3.98 -13.83
CA GLN B 175 25.11 -4.42 -12.46
C GLN B 175 24.14 -3.75 -11.50
N ASP B 176 23.68 -4.52 -10.51
CA ASP B 176 22.76 -3.98 -9.53
C ASP B 176 22.87 -4.77 -8.24
N VAL B 177 22.42 -4.15 -7.14
CA VAL B 177 22.42 -4.79 -5.84
C VAL B 177 21.00 -4.93 -5.27
N PHE B 178 20.07 -4.08 -5.68
CA PHE B 178 18.72 -4.12 -5.15
C PHE B 178 17.99 -5.38 -5.64
N CYS B 179 16.91 -5.71 -4.96
CA CYS B 179 16.13 -6.90 -5.27
C CYS B 179 15.28 -6.65 -6.52
N ASP B 180 14.51 -7.66 -6.90
CA ASP B 180 13.64 -7.55 -8.07
C ASP B 180 12.38 -6.79 -7.70
N SER B 181 12.22 -5.60 -8.28
CA SER B 181 11.08 -4.75 -7.97
C SER B 181 9.82 -5.16 -8.71
N LYS B 182 9.93 -6.04 -9.71
CA LYS B 182 8.77 -6.42 -10.50
C LYS B 182 7.76 -7.22 -9.69
N LEU B 183 8.20 -7.92 -8.65
CA LEU B 183 7.33 -8.71 -7.79
C LEU B 183 7.61 -8.28 -6.35
N MET B 184 6.93 -7.21 -5.92
CA MET B 184 7.15 -6.62 -4.61
C MET B 184 5.96 -5.72 -4.30
N SER B 185 5.65 -5.57 -3.03
CA SER B 185 4.46 -4.82 -2.63
C SER B 185 4.69 -4.16 -1.27
N ALA B 186 3.90 -3.12 -1.01
CA ALA B 186 3.89 -2.42 0.26
C ALA B 186 2.62 -1.60 0.34
N ALA B 187 1.98 -1.62 1.52
CA ALA B 187 0.70 -0.94 1.68
C ALA B 187 0.50 -0.60 3.15
N ILE B 188 -0.46 0.30 3.39
CA ILE B 188 -0.82 0.71 4.74
C ILE B 188 -2.24 1.26 4.72
N LYS B 189 -3.08 0.79 5.64
CA LYS B 189 -4.44 1.33 5.73
C LYS B 189 -4.80 1.49 7.20
N ASP B 190 -4.41 2.63 7.76
CA ASP B 190 -4.96 3.26 8.97
C ASP B 190 -4.69 2.50 10.26
N ASN B 191 -4.23 1.25 10.18
CA ASN B 191 -3.81 0.53 11.36
C ASN B 191 -2.55 -0.31 11.17
N ARG B 192 -2.23 -0.72 9.95
CA ARG B 192 -1.17 -1.68 9.70
C ARG B 192 -0.38 -1.26 8.48
N ALA B 193 0.89 -1.65 8.43
CA ALA B 193 1.76 -1.37 7.29
C ALA B 193 2.57 -2.64 7.03
N VAL B 194 2.38 -3.22 5.85
CA VAL B 194 3.01 -4.49 5.49
C VAL B 194 3.92 -4.28 4.29
N HIS B 195 5.17 -4.71 4.43
CA HIS B 195 6.11 -4.80 3.33
C HIS B 195 6.20 -6.26 2.92
N ALA B 196 5.91 -6.55 1.66
CA ALA B 196 5.75 -7.93 1.24
C ALA B 196 6.42 -8.18 -0.10
N ASP B 197 6.93 -9.40 -0.25
CA ASP B 197 7.42 -9.91 -1.52
C ASP B 197 7.19 -11.42 -1.50
N MET B 198 7.88 -12.14 -2.40
CA MET B 198 7.73 -13.58 -2.45
C MET B 198 8.17 -14.29 -1.17
N GLY B 199 8.99 -13.66 -0.35
CA GLY B 199 9.50 -14.33 0.84
C GLY B 199 9.28 -13.63 2.16
N TYR B 200 9.05 -12.32 2.14
CA TYR B 200 8.99 -11.53 3.35
C TYR B 200 7.57 -11.05 3.61
N TRP B 201 7.20 -11.01 4.90
CA TRP B 201 5.91 -10.50 5.33
C TRP B 201 6.08 -9.57 6.54
N ILE B 202 7.01 -8.62 6.41
CA ILE B 202 7.26 -7.67 7.49
C ILE B 202 6.01 -6.82 7.69
N GLU B 203 5.43 -6.89 8.89
CA GLU B 203 4.19 -6.21 9.22
C GLU B 203 4.40 -5.33 10.44
N SER B 204 3.91 -4.09 10.36
CA SER B 204 3.98 -3.14 11.45
C SER B 204 2.59 -2.59 11.74
N ALA B 205 2.40 -2.17 13.00
CA ALA B 205 1.10 -1.68 13.44
C ALA B 205 1.32 -0.48 14.35
N LEU B 206 0.21 0.15 14.73
CA LEU B 206 0.23 1.34 15.58
C LEU B 206 -0.64 1.11 16.80
N ASN B 207 -0.04 1.15 17.98
CA ASN B 207 -0.76 1.16 19.25
C ASN B 207 -0.72 2.54 19.90
N ASP B 208 0.48 3.06 20.13
CA ASP B 208 0.68 4.45 20.51
C ASP B 208 1.66 5.17 19.60
N THR B 209 2.70 4.46 19.14
CA THR B 209 3.61 4.94 18.12
C THR B 209 3.84 3.83 17.12
N TRP B 210 3.96 4.20 15.85
CA TRP B 210 4.15 3.20 14.80
C TRP B 210 5.41 2.38 15.06
N LYS B 211 5.27 1.06 15.02
CA LYS B 211 6.39 0.17 15.32
C LYS B 211 6.11 -1.18 14.67
N ILE B 212 7.18 -1.97 14.52
CA ILE B 212 7.05 -3.30 13.95
C ILE B 212 6.31 -4.20 14.92
N GLU B 213 5.57 -5.16 14.39
CA GLU B 213 4.80 -6.09 15.21
C GLU B 213 5.14 -7.55 14.98
N LYS B 214 5.33 -7.97 13.73
CA LYS B 214 5.66 -9.35 13.44
C LYS B 214 6.27 -9.43 12.05
N ALA B 215 6.95 -10.55 11.79
CA ALA B 215 7.57 -10.78 10.50
C ALA B 215 7.75 -12.28 10.30
N SER B 216 7.59 -12.72 9.06
CA SER B 216 7.74 -14.12 8.70
C SER B 216 8.62 -14.23 7.46
N PHE B 217 9.56 -15.17 7.48
CA PHE B 217 10.49 -15.36 6.38
C PHE B 217 10.53 -16.83 6.00
N ILE B 218 10.37 -17.12 4.70
CA ILE B 218 10.68 -18.43 4.15
C ILE B 218 12.04 -18.46 3.49
N GLU B 219 12.76 -17.34 3.50
CA GLU B 219 14.09 -17.23 2.92
C GLU B 219 14.78 -16.03 3.56
N VAL B 220 16.10 -16.00 3.42
CA VAL B 220 16.91 -14.89 3.91
C VAL B 220 17.85 -14.50 2.77
N LYS B 221 17.44 -13.52 1.98
CA LYS B 221 18.23 -13.07 0.84
C LYS B 221 19.28 -12.07 1.31
N SER B 222 20.03 -11.52 0.34
CA SER B 222 21.07 -10.56 0.67
C SER B 222 21.03 -9.32 -0.21
N CYS B 223 19.95 -9.11 -0.95
CA CYS B 223 19.81 -7.92 -1.77
C CYS B 223 19.14 -6.80 -0.99
N HIS B 224 19.60 -5.58 -1.22
CA HIS B 224 19.06 -4.43 -0.52
C HIS B 224 17.62 -4.15 -0.97
N TRP B 225 16.78 -3.84 -0.01
CA TRP B 225 15.38 -3.52 -0.31
C TRP B 225 15.30 -2.17 -0.99
N PRO B 226 14.69 -2.06 -2.17
CA PRO B 226 14.64 -0.77 -2.87
C PRO B 226 13.84 0.26 -2.10
N LYS B 227 14.28 1.52 -2.21
CA LYS B 227 13.61 2.61 -1.52
C LYS B 227 12.33 3.04 -2.21
N SER B 228 12.08 2.59 -3.44
CA SER B 228 10.86 2.95 -4.14
C SER B 228 9.63 2.25 -3.59
N HIS B 229 9.81 1.28 -2.69
CA HIS B 229 8.70 0.54 -2.10
C HIS B 229 8.78 0.55 -0.58
N THR B 230 9.27 1.65 0.00
CA THR B 230 9.44 1.78 1.44
C THR B 230 8.56 2.91 1.94
N LEU B 231 7.78 2.63 2.99
CA LEU B 231 6.93 3.63 3.60
C LEU B 231 7.67 4.36 4.69
N TRP B 232 7.59 5.69 4.68
CA TRP B 232 8.21 6.54 5.70
C TRP B 232 9.72 6.27 5.77
N SER B 233 10.38 6.50 4.63
CA SER B 233 11.77 6.14 4.44
C SER B 233 12.72 7.32 4.61
N ASN B 234 12.33 8.33 5.39
CA ASN B 234 13.16 9.51 5.57
C ASN B 234 13.65 9.60 7.01
N GLY B 235 14.88 10.07 7.17
CA GLY B 235 15.45 10.27 8.48
C GLY B 235 15.61 9.01 9.31
N VAL B 236 15.68 7.85 8.66
CA VAL B 236 15.77 6.57 9.36
C VAL B 236 17.24 6.24 9.60
N LEU B 237 17.56 5.91 10.84
CA LEU B 237 18.92 5.54 11.21
C LEU B 237 19.13 4.04 11.03
N GLU B 238 20.27 3.68 10.42
CA GLU B 238 20.57 2.29 10.15
C GLU B 238 20.94 1.50 11.40
N SER B 239 21.16 2.17 12.53
CA SER B 239 21.52 1.50 13.77
C SER B 239 20.30 1.17 14.63
N GLU B 240 19.09 1.43 14.12
CA GLU B 240 17.87 1.12 14.85
C GLU B 240 16.95 0.17 14.10
N MET B 241 17.32 -0.26 12.89
CA MET B 241 16.52 -1.20 12.13
C MET B 241 16.37 -2.51 12.90
N ILE B 242 15.13 -3.00 13.01
CA ILE B 242 14.92 -4.31 13.62
C ILE B 242 15.51 -5.39 12.73
N ILE B 243 15.20 -5.35 11.44
CA ILE B 243 15.81 -6.27 10.47
C ILE B 243 17.00 -5.58 9.82
N PRO B 244 18.18 -6.20 9.81
CA PRO B 244 19.36 -5.55 9.22
C PRO B 244 19.17 -5.29 7.73
N LYS B 245 19.82 -4.23 7.27
CA LYS B 245 19.72 -3.85 5.87
C LYS B 245 20.30 -4.92 4.95
N ASN B 246 21.36 -5.61 5.39
CA ASN B 246 21.99 -6.63 4.56
C ASN B 246 21.07 -7.81 4.29
N PHE B 247 20.05 -8.03 5.13
CA PHE B 247 19.10 -9.11 4.95
C PHE B 247 17.79 -8.61 4.34
N ALA B 248 17.89 -7.66 3.41
CA ALA B 248 16.74 -7.10 2.69
C ALA B 248 15.78 -6.40 3.64
N GLY B 249 16.32 -5.85 4.73
CA GLY B 249 15.53 -5.04 5.63
C GLY B 249 15.11 -3.75 4.98
N PRO B 250 13.80 -3.48 4.95
CA PRO B 250 13.32 -2.25 4.31
C PRO B 250 13.78 -1.02 5.08
N VAL B 251 14.24 -0.02 4.33
CA VAL B 251 14.72 1.23 4.94
C VAL B 251 13.51 2.08 5.29
N SER B 252 13.06 1.99 6.54
CA SER B 252 11.83 2.66 6.94
C SER B 252 11.85 2.92 8.44
N GLN B 253 11.03 3.86 8.87
CA GLN B 253 10.77 4.08 10.28
C GLN B 253 9.76 3.10 10.84
N HIS B 254 9.03 2.38 9.97
CA HIS B 254 8.16 1.31 10.41
C HIS B 254 8.92 0.06 10.84
N ASN B 255 10.22 0.02 10.57
CA ASN B 255 11.10 -1.06 11.01
C ASN B 255 11.72 -0.78 12.37
N TYR B 256 11.07 0.05 13.19
CA TYR B 256 11.60 0.47 14.48
C TYR B 256 10.89 -0.25 15.61
N ARG B 257 11.53 -0.24 16.77
CA ARG B 257 10.95 -0.73 18.02
C ARG B 257 11.72 -0.13 19.18
N PRO B 258 11.05 0.54 20.11
CA PRO B 258 11.77 1.17 21.23
C PRO B 258 12.48 0.13 22.09
N GLY B 259 13.68 0.47 22.55
CA GLY B 259 14.46 -0.38 23.41
C GLY B 259 15.31 -1.41 22.69
N TYR B 260 15.22 -1.50 21.36
CA TYR B 260 15.95 -2.50 20.59
C TYR B 260 16.72 -1.82 19.47
N HIS B 261 17.93 -2.32 19.22
CA HIS B 261 18.77 -1.88 18.13
C HIS B 261 18.87 -2.99 17.08
N THR B 262 19.74 -2.80 16.11
CA THR B 262 19.84 -3.71 14.98
C THR B 262 20.21 -5.13 15.43
N GLN B 263 19.55 -6.11 14.81
CA GLN B 263 19.75 -7.52 15.13
C GLN B 263 20.73 -8.15 14.14
N THR B 264 21.98 -7.70 14.23
CA THR B 264 23.00 -8.14 13.29
C THR B 264 23.33 -9.63 13.41
N ALA B 265 23.24 -10.19 14.60
CA ALA B 265 23.65 -11.57 14.86
C ALA B 265 22.52 -12.36 15.47
N GLY B 266 21.33 -12.25 14.89
CA GLY B 266 20.21 -13.05 15.29
C GLY B 266 20.30 -14.44 14.70
N PRO B 267 19.30 -15.28 14.96
CA PRO B 267 19.28 -16.65 14.44
C PRO B 267 18.90 -16.73 12.96
N TRP B 268 19.61 -15.96 12.13
CA TRP B 268 19.31 -15.90 10.72
C TRP B 268 19.80 -17.12 9.94
N HIS B 269 20.67 -17.94 10.53
CA HIS B 269 21.13 -19.13 9.83
C HIS B 269 20.02 -20.13 9.59
N LEU B 270 18.92 -20.05 10.34
CA LEU B 270 17.76 -20.88 10.05
C LEU B 270 17.12 -20.45 8.74
N GLY B 271 16.63 -21.44 7.99
CA GLY B 271 15.98 -21.16 6.73
C GLY B 271 14.68 -20.40 6.87
N ARG B 272 13.91 -20.75 7.89
CA ARG B 272 12.60 -20.14 8.14
C ARG B 272 12.60 -19.50 9.52
N LEU B 273 11.92 -18.35 9.63
CA LEU B 273 11.84 -17.63 10.88
C LEU B 273 10.46 -17.01 11.02
N GLU B 274 10.06 -16.80 12.27
CA GLU B 274 8.80 -16.13 12.60
C GLU B 274 9.05 -15.23 13.79
N MET B 275 9.38 -13.97 13.54
CA MET B 275 9.71 -13.02 14.60
C MET B 275 8.43 -12.36 15.10
N ASP B 276 8.30 -12.29 16.42
CA ASP B 276 7.15 -11.65 17.06
C ASP B 276 7.61 -11.09 18.40
N PHE B 277 6.64 -10.66 19.22
CA PHE B 277 6.92 -10.05 20.51
C PHE B 277 6.08 -10.74 21.58
N ASP B 278 6.62 -11.82 22.15
CA ASP B 278 5.97 -12.55 23.22
C ASP B 278 7.03 -13.23 24.06
N PHE B 279 6.60 -14.12 24.95
CA PHE B 279 7.50 -14.90 25.79
C PHE B 279 7.60 -16.32 25.26
N CYS B 280 8.82 -16.85 25.26
CA CYS B 280 9.00 -18.28 25.02
C CYS B 280 8.35 -19.06 26.17
N GLU B 281 7.78 -20.21 25.83
CA GLU B 281 7.01 -20.97 26.80
C GLU B 281 7.88 -21.36 28.00
N GLY B 282 7.33 -21.14 29.19
CA GLY B 282 8.05 -21.47 30.41
C GLY B 282 9.16 -20.52 30.78
N THR B 283 9.25 -19.36 30.13
CA THR B 283 10.32 -18.41 30.39
C THR B 283 9.73 -17.09 30.88
N THR B 284 10.51 -16.38 31.69
CA THR B 284 10.14 -15.08 32.21
C THR B 284 11.29 -14.11 32.02
N VAL B 285 10.96 -12.87 31.65
CA VAL B 285 11.94 -11.82 31.43
C VAL B 285 11.66 -10.69 32.41
N VAL B 286 12.68 -10.28 33.16
CA VAL B 286 12.57 -9.21 34.13
C VAL B 286 13.56 -8.11 33.77
N VAL B 287 13.08 -6.87 33.78
CA VAL B 287 13.91 -5.73 33.43
C VAL B 287 14.81 -5.39 34.60
N THR B 288 16.11 -5.35 34.36
CA THR B 288 17.09 -5.03 35.39
C THR B 288 18.32 -4.42 34.74
N GLU B 289 19.01 -3.57 35.51
CA GLU B 289 20.16 -2.85 34.98
C GLU B 289 21.46 -3.63 35.11
N ASP B 290 21.50 -4.68 35.92
CA ASP B 290 22.71 -5.45 36.13
C ASP B 290 22.83 -6.64 35.18
N CYS B 291 21.86 -6.84 34.30
CA CYS B 291 21.94 -7.93 33.34
C CYS B 291 23.03 -7.66 32.31
N GLY B 292 23.46 -8.72 31.64
CA GLY B 292 24.57 -8.63 30.71
C GLY B 292 24.21 -7.83 29.47
N ASN B 293 25.26 -7.38 28.78
CA ASN B 293 25.10 -6.59 27.57
C ASN B 293 24.63 -7.49 26.42
N ARG B 294 24.19 -6.84 25.34
CA ARG B 294 23.64 -7.57 24.21
C ARG B 294 24.73 -8.36 23.50
N GLY B 295 24.37 -9.57 23.07
CA GLY B 295 25.25 -10.42 22.30
C GLY B 295 24.47 -11.23 21.29
N PRO B 296 25.09 -12.30 20.79
CA PRO B 296 24.39 -13.16 19.81
C PRO B 296 23.18 -13.82 20.44
N SER B 297 22.18 -14.09 19.59
CA SER B 297 20.95 -14.69 20.05
C SER B 297 21.21 -16.09 20.62
N LEU B 298 20.52 -16.39 21.72
CA LEU B 298 20.70 -17.64 22.43
C LEU B 298 19.40 -18.45 22.40
N ARG B 299 19.53 -19.73 22.05
CA ARG B 299 18.37 -20.61 22.06
C ARG B 299 17.90 -20.86 23.49
N THR B 300 16.59 -21.01 23.67
CA THR B 300 16.04 -21.22 25.00
C THR B 300 16.28 -22.63 25.53
N THR B 301 16.75 -23.56 24.69
CA THR B 301 17.08 -24.91 25.11
C THR B 301 18.58 -25.14 24.95
N THR B 302 19.17 -25.82 25.94
CA THR B 302 20.60 -26.07 25.94
C THR B 302 20.92 -27.22 24.99
N ALA B 303 22.16 -27.70 25.05
CA ALA B 303 22.57 -28.81 24.18
C ALA B 303 21.98 -30.14 24.61
N SER B 304 21.53 -30.25 25.86
CA SER B 304 20.92 -31.47 26.35
C SER B 304 19.40 -31.46 26.24
N GLY B 305 18.82 -30.39 25.69
CA GLY B 305 17.38 -30.25 25.63
C GLY B 305 16.75 -29.62 26.85
N LYS B 306 17.54 -29.33 27.89
CA LYS B 306 17.00 -28.71 29.08
C LYS B 306 16.61 -27.27 28.80
N LEU B 307 15.53 -26.83 29.45
CA LEU B 307 14.98 -25.49 29.23
C LEU B 307 15.58 -24.49 30.21
N ILE B 308 15.90 -23.31 29.71
CA ILE B 308 16.39 -22.21 30.55
C ILE B 308 15.20 -21.36 30.95
N THR B 309 14.95 -21.26 32.25
CA THR B 309 13.71 -20.66 32.74
C THR B 309 13.79 -19.14 32.79
N GLU B 310 14.70 -18.59 33.59
CA GLU B 310 14.72 -17.17 33.88
C GLU B 310 15.65 -16.43 32.93
N TRP B 311 15.23 -15.22 32.54
CA TRP B 311 16.01 -14.37 31.65
C TRP B 311 15.91 -12.93 32.13
N CYS B 312 16.90 -12.12 31.73
CA CYS B 312 16.92 -10.71 32.07
C CYS B 312 17.28 -9.90 30.83
N CYS B 313 16.84 -8.64 30.83
CA CYS B 313 17.19 -7.68 29.79
C CYS B 313 17.59 -6.37 30.45
N ARG B 314 18.53 -5.66 29.81
CA ARG B 314 19.06 -4.43 30.40
C ARG B 314 18.10 -3.26 30.20
N SER B 315 17.81 -2.92 28.95
CA SER B 315 16.93 -1.80 28.64
C SER B 315 15.96 -2.19 27.53
N CYS B 316 15.44 -3.41 27.59
CA CYS B 316 14.50 -3.89 26.59
C CYS B 316 13.11 -3.33 26.89
N THR B 317 12.11 -3.79 26.15
CA THR B 317 10.73 -3.37 26.36
C THR B 317 9.83 -4.58 26.23
N LEU B 318 9.10 -4.91 27.29
CA LEU B 318 8.20 -6.04 27.26
C LEU B 318 7.04 -5.76 26.32
N PRO B 319 6.56 -6.76 25.57
CA PRO B 319 7.05 -8.14 25.53
C PRO B 319 8.37 -8.28 24.79
N PRO B 320 9.18 -9.27 25.18
CA PRO B 320 10.49 -9.44 24.53
C PRO B 320 10.36 -9.93 23.10
N LEU B 321 11.41 -9.67 22.33
CA LEU B 321 11.49 -10.11 20.95
C LEU B 321 12.02 -11.54 20.90
N ARG B 322 11.29 -12.42 20.22
CA ARG B 322 11.65 -13.83 20.17
C ARG B 322 11.39 -14.36 18.77
N TYR B 323 12.13 -15.42 18.41
CA TYR B 323 12.08 -16.01 17.08
C TYR B 323 11.52 -17.42 17.14
N ARG B 324 10.68 -17.76 16.17
CA ARG B 324 10.19 -19.12 16.01
C ARG B 324 10.77 -19.73 14.74
N GLY B 325 11.46 -20.85 14.88
CA GLY B 325 12.00 -21.56 13.75
C GLY B 325 11.83 -23.06 13.88
N GLU B 326 12.70 -23.83 13.23
CA GLU B 326 12.71 -25.28 13.38
C GLU B 326 13.59 -25.73 14.53
N ASP B 327 14.18 -24.79 15.28
CA ASP B 327 15.10 -25.11 16.36
C ASP B 327 14.53 -24.84 17.75
N GLY B 328 13.43 -24.11 17.85
CA GLY B 328 12.84 -23.81 19.14
C GLY B 328 12.38 -22.37 19.29
N CYS B 329 12.92 -21.68 20.29
CA CYS B 329 12.52 -20.30 20.58
C CYS B 329 13.78 -19.52 20.94
N TRP B 330 14.28 -18.74 19.99
CA TRP B 330 15.44 -17.89 20.22
C TRP B 330 15.00 -16.51 20.67
N TYR B 331 15.75 -15.92 21.58
CA TYR B 331 15.47 -14.58 22.06
C TYR B 331 16.32 -13.55 21.31
N GLY B 332 16.07 -12.28 21.58
CA GLY B 332 16.76 -11.21 20.89
C GLY B 332 18.17 -10.98 21.42
N MET B 333 18.84 -10.00 20.80
CA MET B 333 20.19 -9.65 21.22
C MET B 333 20.24 -9.15 22.65
N GLU B 334 19.26 -8.32 23.04
CA GLU B 334 19.28 -7.65 24.32
C GLU B 334 18.76 -8.50 25.47
N ILE B 335 18.54 -9.79 25.24
CA ILE B 335 18.03 -10.70 26.27
C ILE B 335 19.14 -11.67 26.65
N ARG B 336 19.41 -11.77 27.95
CA ARG B 336 20.47 -12.61 28.47
C ARG B 336 19.94 -13.47 29.62
N PRO B 337 20.55 -14.63 29.86
CA PRO B 337 20.14 -15.44 31.01
C PRO B 337 20.38 -14.72 32.31
N LEU B 338 19.46 -14.92 33.26
CA LEU B 338 19.52 -14.20 34.52
C LEU B 338 20.72 -14.64 35.35
N LYS B 339 20.93 -15.95 35.50
CA LYS B 339 22.04 -16.47 36.28
C LYS B 339 22.83 -17.56 35.59
N GLU B 340 22.26 -18.27 34.61
CA GLU B 340 22.99 -19.32 33.92
C GLU B 340 24.07 -18.72 33.02
N LYS B 341 25.11 -19.52 32.76
CA LYS B 341 26.20 -19.08 31.90
C LYS B 341 25.80 -19.25 30.43
N GLN C 1 -21.39 39.25 -41.10
CA GLN C 1 -22.08 39.56 -39.86
C GLN C 1 -22.56 38.27 -39.19
N VAL C 2 -22.43 38.21 -37.87
CA VAL C 2 -22.78 37.03 -37.11
C VAL C 2 -24.30 36.87 -37.13
N GLN C 3 -24.78 35.87 -37.85
CA GLN C 3 -26.20 35.54 -37.92
C GLN C 3 -26.44 34.20 -37.23
N LEU C 4 -27.39 34.19 -36.30
CA LEU C 4 -27.78 32.98 -35.59
C LEU C 4 -29.25 32.72 -35.86
N VAL C 5 -29.54 31.62 -36.56
CA VAL C 5 -30.90 31.26 -36.95
C VAL C 5 -31.28 29.98 -36.25
N GLU C 6 -32.50 29.94 -35.72
CA GLU C 6 -33.00 28.79 -34.98
C GLU C 6 -34.40 28.44 -35.46
N SER C 7 -34.74 27.16 -35.29
CA SER C 7 -36.06 26.68 -35.67
C SER C 7 -36.39 25.45 -34.83
N GLY C 8 -37.69 25.15 -34.74
CA GLY C 8 -38.14 23.97 -34.01
C GLY C 8 -39.16 24.28 -32.94
N GLY C 9 -39.32 25.56 -32.61
CA GLY C 9 -40.27 25.94 -31.57
C GLY C 9 -41.71 25.71 -32.01
N GLY C 10 -42.54 25.32 -31.05
CA GLY C 10 -43.94 25.09 -31.34
C GLY C 10 -44.64 24.51 -30.13
N LEU C 11 -45.96 24.44 -30.22
CA LEU C 11 -46.77 23.89 -29.15
C LEU C 11 -46.67 22.37 -29.12
N VAL C 12 -46.37 21.82 -27.94
CA VAL C 12 -46.25 20.38 -27.77
C VAL C 12 -46.97 19.98 -26.48
N LYS C 13 -47.39 18.72 -26.45
CA LYS C 13 -48.05 18.16 -25.28
C LYS C 13 -47.01 17.89 -24.19
N PRO C 14 -47.38 18.07 -22.92
CA PRO C 14 -46.46 17.74 -21.82
C PRO C 14 -46.04 16.28 -21.87
N GLY C 15 -44.78 16.03 -21.55
CA GLY C 15 -44.22 14.70 -21.65
C GLY C 15 -43.73 14.32 -23.03
N GLY C 16 -43.81 15.22 -24.01
CA GLY C 16 -43.38 14.94 -25.35
C GLY C 16 -41.90 15.18 -25.55
N SER C 17 -41.52 15.48 -26.79
CA SER C 17 -40.13 15.70 -27.13
C SER C 17 -40.05 16.71 -28.27
N LEU C 18 -38.87 17.30 -28.41
CA LEU C 18 -38.63 18.29 -29.46
C LEU C 18 -37.13 18.39 -29.70
N ARG C 19 -36.78 18.97 -30.84
CA ARG C 19 -35.39 19.19 -31.22
C ARG C 19 -35.22 20.62 -31.72
N LEU C 20 -34.23 21.32 -31.17
CA LEU C 20 -33.95 22.69 -31.55
C LEU C 20 -32.58 22.78 -32.19
N SER C 21 -32.51 23.46 -33.33
CA SER C 21 -31.29 23.61 -34.10
C SER C 21 -30.90 25.07 -34.20
N CYS C 22 -29.59 25.33 -34.25
CA CYS C 22 -29.06 26.68 -34.38
C CYS C 22 -28.18 26.75 -35.62
N ALA C 23 -28.42 27.76 -36.45
CA ALA C 23 -27.68 27.97 -37.69
C ALA C 23 -26.76 29.16 -37.51
N ALA C 24 -25.46 28.92 -37.59
CA ALA C 24 -24.46 29.96 -37.37
C ALA C 24 -23.78 30.35 -38.68
N SER C 25 -23.49 31.64 -38.80
CA SER C 25 -22.81 32.17 -39.97
C SER C 25 -22.16 33.49 -39.61
N GLY C 26 -21.17 33.90 -40.40
CA GLY C 26 -20.50 35.16 -40.21
C GLY C 26 -19.36 35.15 -39.21
N PHE C 27 -19.05 34.01 -38.60
CA PHE C 27 -17.95 33.93 -37.65
C PHE C 27 -17.51 32.47 -37.54
N THR C 28 -16.34 32.28 -36.93
CA THR C 28 -15.76 30.94 -36.78
C THR C 28 -16.57 30.18 -35.73
N PHE C 29 -17.52 29.37 -36.20
CA PHE C 29 -18.36 28.60 -35.28
C PHE C 29 -17.56 27.55 -34.53
N SER C 30 -16.57 26.94 -35.17
CA SER C 30 -15.78 25.87 -34.57
C SER C 30 -14.67 26.40 -33.67
N ASP C 31 -14.73 27.68 -33.27
CA ASP C 31 -13.72 28.27 -32.41
C ASP C 31 -14.26 28.86 -31.13
N TYR C 32 -15.58 28.99 -30.99
CA TYR C 32 -16.19 29.61 -29.81
C TYR C 32 -17.02 28.58 -29.04
N TYR C 33 -17.19 28.85 -27.75
CA TYR C 33 -18.12 28.08 -26.96
C TYR C 33 -19.56 28.38 -27.38
N MET C 34 -20.42 27.38 -27.23
CA MET C 34 -21.82 27.49 -27.64
C MET C 34 -22.70 27.21 -26.43
N SER C 35 -23.82 27.93 -26.35
CA SER C 35 -24.70 27.81 -25.20
C SER C 35 -26.13 28.12 -25.61
N TRP C 36 -27.07 27.60 -24.82
CA TRP C 36 -28.49 27.88 -24.97
C TRP C 36 -28.98 28.60 -23.73
N ILE C 37 -29.74 29.67 -23.91
CA ILE C 37 -30.27 30.47 -22.81
C ILE C 37 -31.77 30.63 -23.02
N ARG C 38 -32.54 30.36 -21.97
CA ARG C 38 -33.98 30.49 -22.01
C ARG C 38 -34.44 31.66 -21.14
N GLN C 39 -35.63 32.16 -21.44
CA GLN C 39 -36.22 33.26 -20.71
C GLN C 39 -37.72 33.02 -20.59
N ALA C 40 -38.19 32.79 -19.36
CA ALA C 40 -39.62 32.62 -19.13
C ALA C 40 -40.36 33.92 -19.43
N PRO C 41 -41.62 33.83 -19.85
CA PRO C 41 -42.37 35.05 -20.21
C PRO C 41 -42.45 36.02 -19.04
N GLY C 42 -41.84 37.19 -19.21
CA GLY C 42 -41.86 38.23 -18.20
C GLY C 42 -40.90 38.01 -17.05
N LYS C 43 -39.99 37.05 -17.15
CA LYS C 43 -39.04 36.74 -16.09
C LYS C 43 -37.62 36.98 -16.59
N GLY C 44 -36.65 36.74 -15.70
CA GLY C 44 -35.26 36.97 -16.02
C GLY C 44 -34.64 35.85 -16.85
N LEU C 45 -33.45 36.13 -17.35
CA LEU C 45 -32.72 35.16 -18.16
C LEU C 45 -32.05 34.11 -17.27
N GLU C 46 -32.02 32.88 -17.78
CA GLU C 46 -31.44 31.77 -17.04
C GLU C 46 -30.66 30.88 -17.98
N TRP C 47 -29.51 30.40 -17.52
CA TRP C 47 -28.72 29.46 -18.31
C TRP C 47 -29.45 28.14 -18.47
N VAL C 48 -29.17 27.45 -19.58
CA VAL C 48 -29.74 26.14 -19.84
C VAL C 48 -28.63 25.12 -19.95
N SER C 49 -27.74 25.30 -20.93
CA SER C 49 -26.62 24.40 -21.13
C SER C 49 -25.61 25.06 -22.04
N TYR C 50 -24.40 24.49 -22.06
CA TYR C 50 -23.36 24.94 -22.96
C TYR C 50 -22.48 23.76 -23.34
N ILE C 51 -21.83 23.88 -24.50
CA ILE C 51 -21.00 22.82 -25.04
C ILE C 51 -19.64 23.40 -25.42
N SER C 52 -18.60 22.57 -25.30
CA SER C 52 -17.26 22.99 -25.64
C SER C 52 -17.04 22.90 -27.15
N THR C 53 -15.82 23.22 -27.57
CA THR C 53 -15.50 23.15 -29.00
C THR C 53 -15.47 21.72 -29.50
N GLY C 54 -14.79 20.84 -28.78
CA GLY C 54 -14.68 19.45 -29.18
C GLY C 54 -15.78 18.57 -28.62
N SER C 55 -16.77 19.20 -27.98
CA SER C 55 -17.91 18.50 -27.39
C SER C 55 -17.45 17.47 -26.36
N SER C 56 -16.80 17.97 -25.31
CA SER C 56 -16.31 17.13 -24.23
C SER C 56 -16.70 17.60 -22.84
N HIS C 57 -17.19 18.84 -22.68
CA HIS C 57 -17.61 19.34 -21.38
C HIS C 57 -19.10 19.12 -21.15
N THR C 58 -19.94 19.72 -22.00
CA THR C 58 -21.38 19.47 -22.06
C THR C 58 -22.02 19.50 -20.68
N ASP C 59 -21.97 20.67 -20.06
CA ASP C 59 -22.60 20.87 -18.75
C ASP C 59 -24.06 21.26 -18.96
N TYR C 60 -24.91 20.83 -18.02
CA TYR C 60 -26.34 21.03 -18.11
C TYR C 60 -26.86 21.69 -16.85
N ALA C 61 -27.99 22.37 -16.98
CA ALA C 61 -28.61 23.01 -15.82
C ALA C 61 -29.14 21.96 -14.85
N ASP C 62 -29.32 22.37 -13.60
CA ASP C 62 -29.71 21.45 -12.53
C ASP C 62 -31.10 20.85 -12.76
N SER C 63 -32.05 21.66 -13.23
CA SER C 63 -33.42 21.20 -13.38
C SER C 63 -33.68 20.42 -14.65
N VAL C 64 -32.69 20.29 -15.53
CA VAL C 64 -32.86 19.58 -16.79
C VAL C 64 -31.81 18.47 -16.95
N LYS C 65 -31.21 18.03 -15.84
CA LYS C 65 -30.25 16.94 -15.90
C LYS C 65 -30.95 15.66 -16.35
N GLY C 66 -30.44 15.07 -17.43
CA GLY C 66 -31.01 13.85 -17.97
C GLY C 66 -32.20 14.03 -18.88
N ARG C 67 -32.77 15.24 -18.94
CA ARG C 67 -33.92 15.49 -19.80
C ARG C 67 -33.54 16.21 -21.10
N PHE C 68 -32.45 16.96 -21.11
CA PHE C 68 -32.02 17.71 -22.28
C PHE C 68 -30.71 17.14 -22.80
N THR C 69 -30.49 17.30 -24.10
CA THR C 69 -29.25 16.88 -24.75
C THR C 69 -28.80 17.96 -25.70
N ILE C 70 -27.52 18.30 -25.65
CA ILE C 70 -26.95 19.35 -26.48
C ILE C 70 -25.80 18.76 -27.31
N SER C 71 -25.71 19.20 -28.55
CA SER C 71 -24.67 18.73 -29.45
C SER C 71 -24.45 19.77 -30.53
N ARG C 72 -23.31 19.66 -31.21
CA ARG C 72 -22.93 20.60 -32.25
C ARG C 72 -22.30 19.84 -33.41
N ASP C 73 -22.28 20.47 -34.58
CA ASP C 73 -21.66 19.92 -35.78
C ASP C 73 -20.83 21.03 -36.41
N ASN C 74 -19.52 21.03 -36.14
CA ASN C 74 -18.65 22.09 -36.62
C ASN C 74 -18.47 22.07 -38.13
N THR C 75 -18.67 20.93 -38.78
CA THR C 75 -18.47 20.85 -40.23
C THR C 75 -19.44 21.74 -40.97
N LYS C 76 -20.71 21.75 -40.56
CA LYS C 76 -21.73 22.56 -41.20
C LYS C 76 -22.14 23.75 -40.33
N ASN C 77 -21.43 24.00 -39.22
CA ASN C 77 -21.71 25.11 -38.32
C ASN C 77 -23.17 25.09 -37.83
N SER C 78 -23.50 23.99 -37.15
CA SER C 78 -24.84 23.79 -36.62
C SER C 78 -24.76 23.38 -35.15
N LEU C 79 -25.68 23.90 -34.35
CA LEU C 79 -25.78 23.59 -32.94
C LEU C 79 -27.15 23.01 -32.66
N TYR C 80 -27.20 21.89 -31.93
CA TYR C 80 -28.43 21.15 -31.72
C TYR C 80 -28.69 20.98 -30.22
N LEU C 81 -29.96 21.14 -29.84
CA LEU C 81 -30.42 20.80 -28.50
C LEU C 81 -31.63 19.89 -28.63
N GLN C 82 -31.69 18.88 -27.76
CA GLN C 82 -32.74 17.88 -27.79
C GLN C 82 -33.64 18.05 -26.57
N LEU C 83 -34.94 18.18 -26.79
CA LEU C 83 -35.90 18.30 -25.72
C LEU C 83 -36.55 16.94 -25.45
N ASN C 84 -36.55 16.52 -24.18
CA ASN C 84 -37.17 15.27 -23.78
C ASN C 84 -37.78 15.43 -22.40
N SER C 85 -38.94 14.80 -22.21
CA SER C 85 -39.67 14.84 -20.94
C SER C 85 -39.97 16.28 -20.53
N LEU C 86 -40.70 16.97 -21.41
CA LEU C 86 -41.01 18.37 -21.18
C LEU C 86 -42.11 18.53 -20.15
N ARG C 87 -41.94 19.49 -19.25
CA ARG C 87 -42.92 19.77 -18.21
C ARG C 87 -43.53 21.16 -18.43
N ASP C 88 -44.42 21.53 -17.51
CA ASP C 88 -45.23 22.73 -17.65
C ASP C 88 -44.37 24.01 -17.64
N GLU C 89 -43.41 24.12 -16.73
CA GLU C 89 -42.65 25.36 -16.58
C GLU C 89 -41.59 25.55 -17.65
N ASP C 90 -41.44 24.61 -18.59
CA ASP C 90 -40.44 24.72 -19.64
C ASP C 90 -40.81 25.73 -20.71
N THR C 91 -42.02 26.29 -20.69
CA THR C 91 -42.42 27.27 -21.68
C THR C 91 -41.58 28.54 -21.52
N ALA C 92 -40.68 28.77 -22.45
CA ALA C 92 -39.81 29.94 -22.40
C ALA C 92 -39.27 30.22 -23.79
N VAL C 93 -38.76 31.44 -23.97
CA VAL C 93 -38.10 31.82 -25.21
C VAL C 93 -36.64 31.40 -25.11
N TYR C 94 -36.23 30.46 -25.96
CA TYR C 94 -34.90 29.86 -25.87
C TYR C 94 -33.97 30.54 -26.87
N TYR C 95 -32.90 31.15 -26.35
CA TYR C 95 -31.96 31.91 -27.15
C TYR C 95 -30.72 31.08 -27.44
N CYS C 96 -30.30 31.08 -28.70
CA CYS C 96 -29.01 30.50 -29.08
C CYS C 96 -27.98 31.62 -29.06
N ALA C 97 -27.11 31.59 -28.05
CA ALA C 97 -26.18 32.68 -27.80
C ALA C 97 -24.75 32.16 -27.79
N SER C 98 -23.85 32.96 -28.35
CA SER C 98 -22.43 32.62 -28.42
C SER C 98 -21.77 32.98 -27.09
N GLY C 99 -21.71 32.01 -26.19
CA GLY C 99 -21.17 32.28 -24.88
C GLY C 99 -20.79 31.07 -24.06
N TYR C 100 -20.65 31.28 -22.75
CA TYR C 100 -20.16 30.28 -21.81
C TYR C 100 -20.42 30.84 -20.43
N ARG C 101 -20.86 29.99 -19.48
CA ARG C 101 -21.24 30.49 -18.17
C ARG C 101 -20.11 31.26 -17.49
N PHE C 102 -18.86 30.90 -17.77
CA PHE C 102 -17.71 31.59 -17.21
C PHE C 102 -17.16 32.65 -18.14
N SER C 103 -18.01 33.26 -18.97
CA SER C 103 -17.58 34.27 -19.92
C SER C 103 -18.77 35.13 -20.28
N TYR C 104 -18.50 36.29 -20.87
CA TYR C 104 -19.59 37.11 -21.37
C TYR C 104 -20.08 36.55 -22.71
N VAL C 105 -21.26 37.00 -23.12
CA VAL C 105 -21.90 36.54 -24.34
C VAL C 105 -21.81 37.64 -25.37
N SER C 106 -21.30 37.31 -26.56
CA SER C 106 -21.07 38.32 -27.58
C SER C 106 -22.24 38.42 -28.55
N TYR C 107 -22.76 37.29 -29.02
CA TYR C 107 -23.75 37.27 -30.08
C TYR C 107 -25.03 36.58 -29.61
N TRP C 108 -26.16 37.25 -29.84
CA TRP C 108 -27.49 36.71 -29.60
C TRP C 108 -28.31 36.85 -30.88
N GLY C 109 -29.13 35.84 -31.19
CA GLY C 109 -30.03 35.99 -32.32
C GLY C 109 -31.41 35.37 -32.18
N GLN C 110 -32.45 36.21 -32.29
CA GLN C 110 -33.86 35.85 -32.43
C GLN C 110 -34.22 34.50 -31.84
N GLY C 111 -34.06 34.34 -30.53
CA GLY C 111 -34.39 33.08 -29.89
C GLY C 111 -35.83 32.68 -30.12
N THR C 112 -36.03 31.38 -30.33
CA THR C 112 -37.35 30.86 -30.63
C THR C 112 -38.16 30.66 -29.34
N LEU C 113 -39.44 30.38 -29.51
CA LEU C 113 -40.37 30.22 -28.40
C LEU C 113 -40.96 28.81 -28.45
N VAL C 114 -41.09 28.20 -27.27
CA VAL C 114 -41.66 26.86 -27.13
C VAL C 114 -42.70 26.89 -26.02
N THR C 115 -43.84 26.23 -26.27
CA THR C 115 -44.92 26.15 -25.30
C THR C 115 -45.24 24.69 -25.01
N VAL C 116 -45.44 24.38 -23.74
CA VAL C 116 -45.73 23.02 -23.28
C VAL C 116 -47.09 23.09 -22.57
N SER C 117 -48.15 22.76 -23.31
CA SER C 117 -49.50 22.79 -22.75
C SER C 117 -50.37 21.87 -23.60
N SER C 118 -51.68 21.95 -23.40
CA SER C 118 -52.64 21.14 -24.14
C SER C 118 -53.36 21.96 -25.21
N GLU D 1 -21.84 30.72 -3.96
CA GLU D 1 -22.76 31.47 -4.81
C GLU D 1 -22.61 32.97 -4.61
N ILE D 2 -22.47 33.70 -5.71
CA ILE D 2 -22.28 35.14 -5.68
C ILE D 2 -23.46 35.81 -6.35
N VAL D 3 -24.65 35.23 -6.16
CA VAL D 3 -25.87 35.78 -6.74
C VAL D 3 -25.95 37.28 -6.51
N LEU D 4 -26.21 38.02 -7.58
CA LEU D 4 -26.17 39.48 -7.57
C LEU D 4 -27.54 40.05 -7.22
N THR D 5 -27.57 41.35 -6.95
CA THR D 5 -28.79 42.07 -6.65
C THR D 5 -28.79 43.38 -7.43
N GLN D 6 -29.93 43.71 -8.03
CA GLN D 6 -30.08 44.93 -8.82
C GLN D 6 -31.02 45.88 -8.10
N SER D 7 -30.57 47.11 -7.90
CA SER D 7 -31.38 48.13 -7.26
C SER D 7 -31.25 49.46 -8.01
N PRO D 8 -32.35 50.19 -8.21
CA PRO D 8 -33.70 49.79 -7.80
C PRO D 8 -34.35 48.86 -8.82
N GLY D 9 -35.49 48.26 -8.43
CA GLY D 9 -36.20 47.38 -9.35
C GLY D 9 -36.66 48.09 -10.61
N THR D 10 -37.05 49.35 -10.50
CA THR D 10 -37.42 50.16 -11.65
C THR D 10 -36.97 51.58 -11.42
N LEU D 11 -36.78 52.32 -12.52
CA LEU D 11 -36.33 53.70 -12.47
C LEU D 11 -37.22 54.57 -13.34
N SER D 12 -37.54 55.75 -12.83
CA SER D 12 -38.34 56.74 -13.55
C SER D 12 -37.52 58.00 -13.75
N LEU D 13 -37.41 58.44 -15.00
CA LEU D 13 -36.66 59.65 -15.33
C LEU D 13 -37.28 60.26 -16.59
N SER D 14 -36.59 61.24 -17.15
CA SER D 14 -37.04 61.92 -18.36
C SER D 14 -35.86 62.07 -19.30
N PRO D 15 -36.11 62.18 -20.61
CA PRO D 15 -35.01 62.43 -21.54
C PRO D 15 -34.30 63.73 -21.22
N GLY D 16 -32.98 63.73 -21.40
CA GLY D 16 -32.15 64.85 -21.05
C GLY D 16 -31.46 64.74 -19.71
N GLU D 17 -31.82 63.77 -18.89
CA GLU D 17 -31.23 63.57 -17.58
C GLU D 17 -29.98 62.70 -17.70
N ARG D 18 -29.46 62.24 -16.58
CA ARG D 18 -28.32 61.32 -16.55
C ARG D 18 -28.59 60.27 -15.49
N ALA D 19 -28.78 59.03 -15.92
CA ALA D 19 -29.20 57.95 -15.04
C ALA D 19 -28.01 57.15 -14.54
N THR D 20 -28.25 56.38 -13.47
CA THR D 20 -27.24 55.51 -12.89
C THR D 20 -27.90 54.19 -12.50
N LEU D 21 -27.11 53.13 -12.49
CA LEU D 21 -27.57 51.79 -12.12
C LEU D 21 -26.73 51.28 -10.97
N SER D 22 -27.13 50.14 -10.43
CA SER D 22 -26.42 49.51 -9.33
C SER D 22 -26.66 48.01 -9.36
N CYS D 23 -25.57 47.24 -9.45
CA CYS D 23 -25.63 45.78 -9.43
C CYS D 23 -24.87 45.29 -8.21
N ARG D 24 -25.58 45.12 -7.09
CA ARG D 24 -24.96 44.64 -5.88
C ARG D 24 -24.46 43.20 -6.06
N ALA D 25 -23.27 42.93 -5.53
CA ALA D 25 -22.67 41.61 -5.59
C ALA D 25 -22.59 41.01 -4.19
N SER D 26 -22.64 39.68 -4.13
CA SER D 26 -22.61 39.01 -2.83
C SER D 26 -21.30 39.29 -2.10
N GLN D 27 -20.17 39.03 -2.77
CA GLN D 27 -18.87 39.34 -2.19
C GLN D 27 -17.78 39.21 -3.24
N SER D 28 -16.85 40.17 -3.25
CA SER D 28 -15.52 40.03 -3.84
C SER D 28 -15.50 39.39 -5.23
N VAL D 29 -16.07 40.07 -6.23
CA VAL D 29 -15.95 39.57 -7.60
C VAL D 29 -14.48 39.51 -8.00
N SER D 30 -14.17 38.61 -8.93
CA SER D 30 -12.80 38.32 -9.31
C SER D 30 -12.46 39.02 -10.63
N SER D 31 -11.39 39.81 -10.62
CA SER D 31 -10.86 40.45 -11.82
C SER D 31 -11.89 41.36 -12.48
N SER D 32 -12.85 41.86 -11.71
CA SER D 32 -13.89 42.75 -12.21
C SER D 32 -14.62 42.15 -13.40
N TYR D 33 -14.90 40.85 -13.33
CA TYR D 33 -15.55 40.13 -14.41
C TYR D 33 -17.05 40.35 -14.31
N LEU D 34 -17.51 41.48 -14.82
CA LEU D 34 -18.93 41.81 -14.84
C LEU D 34 -19.30 42.33 -16.22
N ALA D 35 -20.55 42.10 -16.61
CA ALA D 35 -21.05 42.49 -17.91
C ALA D 35 -22.41 43.13 -17.78
N TRP D 36 -22.78 43.90 -18.81
CA TRP D 36 -24.08 44.55 -18.87
C TRP D 36 -24.72 44.26 -20.23
N TYR D 37 -26.02 43.95 -20.21
CA TYR D 37 -26.76 43.61 -21.42
C TYR D 37 -28.02 44.45 -21.48
N GLN D 38 -28.36 44.90 -22.69
CA GLN D 38 -29.55 45.69 -22.93
C GLN D 38 -30.62 44.83 -23.57
N GLN D 39 -31.84 44.87 -23.01
CA GLN D 39 -32.98 44.11 -23.51
C GLN D 39 -34.06 45.08 -23.95
N LYS D 40 -34.01 45.48 -25.22
CA LYS D 40 -35.04 46.34 -25.75
C LYS D 40 -36.27 45.47 -26.03
N PRO D 41 -37.41 45.76 -25.39
CA PRO D 41 -38.59 44.91 -25.57
C PRO D 41 -39.32 45.15 -26.89
N GLY D 42 -39.47 44.10 -27.70
CA GLY D 42 -38.90 42.81 -27.38
C GLY D 42 -37.98 42.29 -28.45
N GLN D 43 -36.69 42.22 -28.14
CA GLN D 43 -35.68 41.73 -29.08
C GLN D 43 -34.64 40.94 -28.30
N ALA D 44 -33.58 40.54 -28.98
CA ALA D 44 -32.51 39.79 -28.35
C ALA D 44 -31.62 40.72 -27.53
N PRO D 45 -31.03 40.21 -26.45
CA PRO D 45 -30.11 41.04 -25.65
C PRO D 45 -28.87 41.43 -26.43
N ARG D 46 -28.33 42.60 -26.08
CA ARG D 46 -27.08 43.09 -26.63
C ARG D 46 -25.99 43.03 -25.57
N LEU D 47 -24.81 43.52 -25.92
CA LEU D 47 -23.67 43.55 -25.01
C LEU D 47 -23.16 44.97 -24.88
N LEU D 48 -22.90 45.40 -23.64
CA LEU D 48 -22.46 46.76 -23.37
C LEU D 48 -21.03 46.79 -22.81
N ILE D 49 -20.77 46.09 -21.72
CA ILE D 49 -19.46 46.09 -21.08
C ILE D 49 -18.99 44.66 -20.95
N TYR D 50 -17.67 44.45 -21.00
CA TYR D 50 -17.18 43.07 -21.02
C TYR D 50 -17.24 42.42 -19.63
N GLY D 51 -16.53 42.94 -18.62
CA GLY D 51 -15.52 43.98 -18.65
C GLY D 51 -15.63 45.00 -17.53
N ALA D 52 -16.87 45.37 -17.19
CA ALA D 52 -17.24 46.24 -16.08
C ALA D 52 -16.69 47.65 -16.20
N SER D 53 -15.82 47.92 -17.17
CA SER D 53 -15.33 49.28 -17.43
C SER D 53 -15.17 49.63 -18.89
N THR D 54 -15.19 48.67 -19.82
CA THR D 54 -14.80 48.90 -21.21
C THR D 54 -16.03 48.78 -22.11
N ARG D 55 -16.27 49.82 -22.89
CA ARG D 55 -17.40 49.82 -23.81
C ARG D 55 -17.21 48.77 -24.90
N ALA D 56 -18.29 48.07 -25.23
CA ALA D 56 -18.24 47.07 -26.28
C ALA D 56 -18.30 47.74 -27.65
N THR D 57 -17.96 46.97 -28.68
CA THR D 57 -17.98 47.48 -30.04
C THR D 57 -19.40 47.79 -30.49
N GLY D 58 -19.54 48.84 -31.29
CA GLY D 58 -20.84 49.23 -31.79
C GLY D 58 -21.77 49.86 -30.78
N ILE D 59 -21.25 50.27 -29.62
CA ILE D 59 -22.06 50.83 -28.55
C ILE D 59 -21.82 52.33 -28.49
N PRO D 60 -22.87 53.16 -28.37
CA PRO D 60 -22.65 54.61 -28.30
C PRO D 60 -21.88 55.01 -27.05
N ASP D 61 -21.21 56.15 -27.14
CA ASP D 61 -20.33 56.61 -26.06
C ASP D 61 -21.08 56.86 -24.75
N ARG D 62 -22.36 57.22 -24.80
CA ARG D 62 -23.09 57.57 -23.58
C ARG D 62 -23.12 56.44 -22.57
N PHE D 63 -23.00 55.19 -23.00
CA PHE D 63 -23.01 54.05 -22.09
C PHE D 63 -21.64 53.94 -21.41
N THR D 64 -21.61 54.18 -20.10
CA THR D 64 -20.38 54.15 -19.33
C THR D 64 -20.52 53.14 -18.20
N GLY D 65 -19.57 52.20 -18.13
CA GLY D 65 -19.54 51.21 -17.06
C GLY D 65 -18.43 51.53 -16.07
N SER D 66 -18.75 51.38 -14.79
CA SER D 66 -17.81 51.71 -13.74
C SER D 66 -18.10 50.82 -12.53
N GLY D 67 -17.39 51.08 -11.44
CA GLY D 67 -17.54 50.31 -10.22
C GLY D 67 -16.47 49.25 -10.09
N SER D 68 -16.15 48.89 -8.85
CA SER D 68 -15.15 47.88 -8.57
C SER D 68 -15.38 47.33 -7.17
N GLY D 69 -14.78 46.17 -6.90
CA GLY D 69 -14.91 45.54 -5.61
C GLY D 69 -16.16 44.70 -5.50
N THR D 70 -17.18 45.23 -4.82
CA THR D 70 -18.46 44.56 -4.71
C THR D 70 -19.62 45.44 -5.17
N ASP D 71 -19.36 46.66 -5.61
CA ASP D 71 -20.39 47.57 -6.08
C ASP D 71 -20.05 48.02 -7.49
N PHE D 72 -21.01 47.94 -8.40
CA PHE D 72 -20.82 48.35 -9.78
C PHE D 72 -21.98 49.23 -10.23
N THR D 73 -21.65 50.25 -11.02
CA THR D 73 -22.64 51.20 -11.50
C THR D 73 -22.52 51.34 -13.01
N LEU D 74 -23.64 51.16 -13.71
CA LEU D 74 -23.72 51.43 -15.13
C LEU D 74 -24.44 52.75 -15.32
N THR D 75 -23.73 53.74 -15.88
CA THR D 75 -24.24 55.10 -15.99
C THR D 75 -24.33 55.49 -17.45
N ILE D 76 -25.49 55.97 -17.88
CA ILE D 76 -25.67 56.53 -19.21
C ILE D 76 -25.57 58.05 -19.11
N SER D 77 -24.57 58.61 -19.79
CA SER D 77 -24.32 60.06 -19.68
C SER D 77 -25.46 60.85 -20.28
N ARG D 78 -25.97 60.44 -21.44
CA ARG D 78 -27.01 61.15 -22.15
C ARG D 78 -28.23 60.26 -22.31
N LEU D 79 -29.38 60.75 -21.86
CA LEU D 79 -30.62 60.02 -22.06
C LEU D 79 -31.07 60.11 -23.52
N GLU D 80 -31.91 59.16 -23.91
CA GLU D 80 -32.38 59.08 -25.29
C GLU D 80 -33.66 58.27 -25.31
N PRO D 81 -34.68 58.66 -26.09
CA PRO D 81 -35.99 58.02 -26.00
C PRO D 81 -35.98 56.52 -26.30
N GLU D 82 -35.08 56.03 -27.15
CA GLU D 82 -35.01 54.61 -27.47
C GLU D 82 -34.28 53.82 -26.39
N ASP D 83 -33.49 54.49 -25.55
CA ASP D 83 -32.70 53.83 -24.52
C ASP D 83 -33.55 53.22 -23.41
N PHE D 84 -34.84 53.55 -23.33
CA PHE D 84 -35.70 52.98 -22.30
C PHE D 84 -35.90 51.49 -22.55
N ALA D 85 -35.25 50.66 -21.73
CA ALA D 85 -35.32 49.21 -21.88
C ALA D 85 -34.97 48.59 -20.54
N VAL D 86 -34.71 47.28 -20.56
CA VAL D 86 -34.35 46.52 -19.36
C VAL D 86 -32.88 46.14 -19.47
N TYR D 87 -32.13 46.36 -18.39
CA TYR D 87 -30.70 46.12 -18.37
C TYR D 87 -30.39 45.06 -17.32
N TYR D 88 -29.52 44.11 -17.67
CA TYR D 88 -29.13 43.02 -16.80
C TYR D 88 -27.63 43.06 -16.56
N CYS D 89 -27.23 42.60 -15.37
CA CYS D 89 -25.82 42.50 -15.01
C CYS D 89 -25.49 41.05 -14.71
N GLN D 90 -24.32 40.61 -15.20
CA GLN D 90 -23.90 39.23 -15.05
C GLN D 90 -22.44 39.19 -14.61
N GLN D 91 -22.16 38.35 -13.61
CA GLN D 91 -20.79 38.03 -13.25
C GLN D 91 -20.40 36.71 -13.89
N TYR D 92 -19.23 36.67 -14.53
CA TYR D 92 -18.74 35.47 -15.20
C TYR D 92 -17.43 35.05 -14.52
N GLY D 93 -17.55 34.15 -13.54
CA GLY D 93 -16.38 33.62 -12.87
C GLY D 93 -15.90 34.48 -11.72
N SER D 94 -15.76 33.89 -10.54
CA SER D 94 -16.07 32.49 -10.29
C SER D 94 -16.60 32.30 -8.87
N SER D 95 -17.64 31.48 -8.71
CA SER D 95 -18.30 30.81 -9.82
C SER D 95 -19.71 31.36 -10.00
N PRO D 96 -20.05 31.72 -11.24
CA PRO D 96 -21.32 32.39 -11.50
C PRO D 96 -22.52 31.48 -11.24
N ALA D 97 -23.63 32.13 -10.91
CA ALA D 97 -24.90 31.43 -10.71
C ALA D 97 -25.45 30.92 -12.03
N TRP D 98 -26.53 30.16 -11.93
CA TRP D 98 -27.17 29.59 -13.11
C TRP D 98 -28.22 30.51 -13.72
N THR D 99 -28.38 31.71 -13.18
CA THR D 99 -29.36 32.66 -13.68
C THR D 99 -28.72 34.03 -13.81
N PHE D 100 -29.31 34.86 -14.68
CA PHE D 100 -28.83 36.21 -14.90
C PHE D 100 -29.37 37.13 -13.79
N GLY D 101 -29.18 38.43 -13.97
CA GLY D 101 -29.71 39.39 -13.02
C GLY D 101 -31.21 39.54 -13.15
N GLN D 102 -31.80 40.18 -12.14
CA GLN D 102 -33.25 40.37 -12.14
C GLN D 102 -33.68 41.43 -13.13
N GLY D 103 -32.82 42.40 -13.43
CA GLY D 103 -33.14 43.44 -14.39
C GLY D 103 -33.74 44.68 -13.76
N THR D 104 -33.53 45.83 -14.40
CA THR D 104 -34.07 47.10 -13.93
C THR D 104 -34.88 47.73 -15.06
N LYS D 105 -36.11 48.11 -14.76
CA LYS D 105 -36.96 48.75 -15.75
C LYS D 105 -36.71 50.25 -15.77
N VAL D 106 -36.51 50.80 -16.96
CA VAL D 106 -36.31 52.24 -17.16
C VAL D 106 -37.58 52.78 -17.79
N GLU D 107 -38.26 53.68 -17.08
CA GLU D 107 -39.55 54.21 -17.50
C GLU D 107 -39.49 55.74 -17.51
N ILE D 108 -40.25 56.33 -18.43
CA ILE D 108 -40.35 57.77 -18.52
C ILE D 108 -40.99 58.35 -17.27
N GLN E 1 17.38 -42.14 40.17
CA GLN E 1 17.91 -42.69 38.92
C GLN E 1 16.81 -42.56 37.87
N VAL E 2 17.18 -42.58 36.59
CA VAL E 2 16.24 -42.37 35.50
C VAL E 2 15.86 -43.71 34.90
N GLN E 3 14.68 -44.20 35.24
CA GLN E 3 14.08 -45.35 34.57
C GLN E 3 12.94 -44.88 33.69
N LEU E 4 12.94 -45.33 32.44
CA LEU E 4 11.90 -45.01 31.47
C LEU E 4 11.21 -46.31 31.09
N VAL E 5 9.96 -46.46 31.53
CA VAL E 5 9.18 -47.68 31.31
C VAL E 5 8.05 -47.37 30.35
N GLU E 6 7.83 -48.28 29.40
CA GLU E 6 6.81 -48.10 28.37
C GLU E 6 5.96 -49.35 28.28
N SER E 7 4.74 -49.18 27.80
CA SER E 7 3.80 -50.28 27.68
C SER E 7 2.84 -49.99 26.52
N GLY E 8 2.22 -51.06 26.03
CA GLY E 8 1.25 -50.93 24.95
C GLY E 8 1.63 -51.73 23.72
N GLY E 9 2.86 -52.22 23.68
CA GLY E 9 3.32 -52.96 22.51
C GLY E 9 2.59 -54.29 22.38
N GLY E 10 2.36 -54.68 21.13
CA GLY E 10 1.70 -55.95 20.85
C GLY E 10 1.40 -56.06 19.38
N LEU E 11 1.07 -57.28 18.97
CA LEU E 11 0.73 -57.53 17.58
C LEU E 11 -0.61 -56.91 17.23
N VAL E 12 -0.67 -56.28 16.06
CA VAL E 12 -1.87 -55.60 15.59
C VAL E 12 -2.05 -55.88 14.10
N LYS E 13 -3.31 -55.98 13.68
CA LYS E 13 -3.64 -56.11 12.28
C LYS E 13 -3.35 -54.79 11.55
N PRO E 14 -2.88 -54.87 10.30
CA PRO E 14 -2.64 -53.65 9.54
C PRO E 14 -3.91 -52.82 9.39
N GLY E 15 -3.74 -51.50 9.43
CA GLY E 15 -4.86 -50.59 9.39
C GLY E 15 -5.52 -50.31 10.72
N GLY E 16 -5.04 -50.91 11.80
CA GLY E 16 -5.59 -50.71 13.12
C GLY E 16 -5.03 -49.47 13.79
N SER E 17 -4.99 -49.52 15.12
CA SER E 17 -4.50 -48.41 15.91
C SER E 17 -3.96 -48.93 17.23
N LEU E 18 -3.16 -48.10 17.89
CA LEU E 18 -2.55 -48.47 19.16
C LEU E 18 -2.14 -47.20 19.88
N ARG E 19 -1.94 -47.33 21.19
CA ARG E 19 -1.52 -46.22 22.04
C ARG E 19 -0.34 -46.65 22.89
N LEU E 20 0.71 -45.83 22.92
CA LEU E 20 1.90 -46.11 23.70
C LEU E 20 2.10 -45.02 24.75
N SER E 21 2.60 -45.42 25.91
CA SER E 21 2.82 -44.51 27.03
C SER E 21 4.25 -44.67 27.55
N CYS E 22 4.78 -43.59 28.11
CA CYS E 22 6.11 -43.58 28.70
C CYS E 22 6.02 -43.08 30.13
N ALA E 23 6.76 -43.73 31.03
CA ALA E 23 6.76 -43.39 32.44
C ALA E 23 8.16 -42.98 32.84
N ALA E 24 8.33 -41.73 33.24
CA ALA E 24 9.63 -41.19 33.63
C ALA E 24 9.69 -40.94 35.13
N SER E 25 10.90 -41.07 35.68
CA SER E 25 11.12 -40.85 37.10
C SER E 25 12.59 -40.55 37.33
N GLY E 26 12.87 -39.95 38.49
CA GLY E 26 14.24 -39.66 38.88
C GLY E 26 14.81 -38.38 38.32
N PHE E 27 14.06 -37.63 37.52
CA PHE E 27 14.54 -36.38 36.96
C PHE E 27 13.35 -35.50 36.62
N THR E 28 13.62 -34.22 36.38
CA THR E 28 12.58 -33.24 36.10
C THR E 28 12.03 -33.49 34.71
N PHE E 29 10.93 -34.23 34.64
CA PHE E 29 10.30 -34.53 33.36
C PHE E 29 9.75 -33.27 32.70
N SER E 30 9.31 -32.30 33.49
CA SER E 30 8.71 -31.08 32.98
C SER E 30 9.76 -30.02 32.62
N ASP E 31 11.00 -30.43 32.40
CA ASP E 31 12.08 -29.50 32.07
C ASP E 31 12.82 -29.85 30.79
N TYR E 32 12.68 -31.07 30.28
CA TYR E 32 13.40 -31.52 29.10
C TYR E 32 12.45 -31.67 27.92
N TYR E 33 13.04 -31.81 26.73
CA TYR E 33 12.29 -32.26 25.58
C TYR E 33 12.04 -33.75 25.67
N MET E 34 11.06 -34.22 24.90
CA MET E 34 10.73 -35.64 24.85
C MET E 34 10.60 -36.07 23.40
N SER E 35 11.00 -37.31 23.13
CA SER E 35 11.01 -37.81 21.77
C SER E 35 10.85 -39.32 21.77
N TRP E 36 10.35 -39.84 20.66
CA TRP E 36 10.19 -41.27 20.45
C TRP E 36 11.10 -41.70 19.30
N ILE E 37 11.89 -42.75 19.53
CA ILE E 37 12.83 -43.24 18.53
C ILE E 37 12.51 -44.71 18.27
N ARG E 38 12.30 -45.05 17.00
CA ARG E 38 12.02 -46.42 16.60
C ARG E 38 13.22 -47.01 15.88
N GLN E 39 13.31 -48.34 15.93
CA GLN E 39 14.40 -49.07 15.30
C GLN E 39 13.84 -50.36 14.72
N ALA E 40 13.88 -50.48 13.40
CA ALA E 40 13.44 -51.69 12.74
C ALA E 40 14.37 -52.85 13.12
N PRO E 41 13.86 -54.09 13.07
CA PRO E 41 14.69 -55.24 13.50
C PRO E 41 15.96 -55.35 12.66
N GLY E 42 17.10 -55.19 13.33
CA GLY E 42 18.38 -55.32 12.69
C GLY E 42 18.85 -54.13 11.89
N LYS E 43 18.10 -53.04 11.89
CA LYS E 43 18.43 -51.83 11.13
C LYS E 43 18.83 -50.72 12.10
N GLY E 44 19.15 -49.56 11.52
CA GLY E 44 19.59 -48.42 12.31
C GLY E 44 18.45 -47.70 13.00
N LEU E 45 18.84 -46.78 13.88
CA LEU E 45 17.87 -45.99 14.62
C LEU E 45 17.29 -44.89 13.75
N GLU E 46 16.08 -44.46 14.09
CA GLU E 46 15.38 -43.44 13.32
C GLU E 46 14.45 -42.67 14.24
N TRP E 47 14.38 -41.35 14.03
CA TRP E 47 13.47 -40.51 14.79
C TRP E 47 12.02 -40.78 14.38
N VAL E 48 11.10 -40.47 15.29
CA VAL E 48 9.68 -40.56 15.00
C VAL E 48 9.04 -39.20 15.21
N SER E 49 9.14 -38.67 16.42
CA SER E 49 8.59 -37.35 16.73
C SER E 49 9.23 -36.85 18.01
N TYR E 50 9.12 -35.54 18.22
CA TYR E 50 9.56 -34.94 19.47
C TYR E 50 8.62 -33.80 19.83
N ILE E 51 8.46 -33.58 21.13
CA ILE E 51 7.52 -32.58 21.65
C ILE E 51 8.29 -31.65 22.56
N SER E 52 7.83 -30.40 22.63
CA SER E 52 8.48 -29.38 23.43
C SER E 52 8.05 -29.52 24.90
N THR E 53 8.49 -28.58 25.74
CA THR E 53 8.13 -28.63 27.15
C THR E 53 6.67 -28.25 27.36
N GLY E 54 6.22 -27.19 26.69
CA GLY E 54 4.85 -26.74 26.83
C GLY E 54 3.91 -27.28 25.77
N SER E 55 4.38 -28.29 25.03
CA SER E 55 3.62 -28.94 23.97
C SER E 55 3.17 -27.93 22.92
N SER E 56 4.17 -27.33 22.26
CA SER E 56 3.91 -26.35 21.22
C SER E 56 4.73 -26.57 19.95
N HIS E 57 5.71 -27.47 19.96
CA HIS E 57 6.53 -27.74 18.78
C HIS E 57 6.05 -28.98 18.03
N THR E 58 6.00 -30.12 18.73
CA THR E 58 5.39 -31.38 18.27
C THR E 58 5.62 -31.63 16.77
N ASP E 59 6.88 -31.71 16.39
CA ASP E 59 7.25 -32.03 15.03
C ASP E 59 7.28 -33.55 14.86
N TYR E 60 6.94 -34.02 13.65
CA TYR E 60 6.80 -35.44 13.36
C TYR E 60 7.69 -35.83 12.20
N ALA E 61 7.94 -37.13 12.07
CA ALA E 61 8.73 -37.64 10.97
C ALA E 61 7.95 -37.55 9.66
N ASP E 62 8.68 -37.68 8.55
CA ASP E 62 8.08 -37.50 7.23
C ASP E 62 7.12 -38.64 6.88
N SER E 63 7.43 -39.87 7.26
CA SER E 63 6.63 -41.03 6.87
C SER E 63 5.47 -41.29 7.82
N VAL E 64 5.30 -40.48 8.86
CA VAL E 64 4.23 -40.67 9.83
C VAL E 64 3.34 -39.43 9.96
N LYS E 65 3.42 -38.52 8.99
CA LYS E 65 2.60 -37.32 9.03
C LYS E 65 1.12 -37.68 8.91
N GLY E 66 0.33 -37.22 9.87
CA GLY E 66 -1.10 -37.50 9.87
C GLY E 66 -1.50 -38.84 10.44
N ARG E 67 -0.54 -39.73 10.70
CA ARG E 67 -0.84 -41.05 11.25
C ARG E 67 -0.48 -41.18 12.71
N PHE E 68 0.56 -40.48 13.17
CA PHE E 68 1.02 -40.57 14.55
C PHE E 68 0.74 -39.25 15.26
N THR E 69 0.40 -39.37 16.55
CA THR E 69 0.14 -38.20 17.39
C THR E 69 0.90 -38.36 18.69
N ILE E 70 1.54 -37.29 19.14
CA ILE E 70 2.35 -37.32 20.36
C ILE E 70 1.79 -36.28 21.34
N SER E 71 1.85 -36.63 22.62
CA SER E 71 1.37 -35.75 23.67
C SER E 71 2.09 -36.10 24.97
N ARG E 72 2.06 -35.16 25.91
CA ARG E 72 2.72 -35.36 27.19
C ARG E 72 1.86 -34.78 28.31
N ASP E 73 2.14 -35.23 29.53
CA ASP E 73 1.45 -34.74 30.72
C ASP E 73 2.52 -34.50 31.79
N ASN E 74 2.91 -33.23 31.96
CA ASN E 74 3.95 -32.90 32.92
C ASN E 74 3.50 -33.05 34.36
N THR E 75 2.19 -33.13 34.61
CA THR E 75 1.70 -33.24 35.98
C THR E 75 2.14 -34.55 36.62
N LYS E 76 1.96 -35.67 35.92
CA LYS E 76 2.30 -36.98 36.45
C LYS E 76 3.48 -37.62 35.72
N ASN E 77 4.25 -36.84 34.97
CA ASN E 77 5.48 -37.31 34.31
C ASN E 77 5.19 -38.50 33.39
N SER E 78 4.39 -38.22 32.35
CA SER E 78 4.03 -39.22 31.37
C SER E 78 4.18 -38.65 29.97
N LEU E 79 4.49 -39.52 29.01
CA LEU E 79 4.63 -39.16 27.61
C LEU E 79 3.82 -40.14 26.77
N TYR E 80 3.01 -39.61 25.87
CA TYR E 80 2.06 -40.41 25.11
C TYR E 80 2.27 -40.27 23.62
N LEU E 81 2.20 -41.38 22.90
CA LEU E 81 2.18 -41.39 21.45
C LEU E 81 1.03 -42.27 20.98
N GLN E 82 0.28 -41.78 20.00
CA GLN E 82 -0.91 -42.47 19.50
C GLN E 82 -0.64 -43.00 18.11
N LEU E 83 -0.86 -44.29 17.91
CA LEU E 83 -0.66 -44.92 16.62
C LEU E 83 -1.99 -45.01 15.88
N ASN E 84 -2.00 -44.58 14.63
CA ASN E 84 -3.18 -44.67 13.79
C ASN E 84 -2.78 -45.04 12.38
N SER E 85 -3.64 -45.83 11.72
CA SER E 85 -3.41 -46.30 10.36
C SER E 85 -2.05 -46.99 10.23
N LEU E 86 -1.87 -48.01 11.07
CA LEU E 86 -0.62 -48.75 11.10
C LEU E 86 -0.44 -49.57 9.84
N ARG E 87 0.79 -49.66 9.36
CA ARG E 87 1.13 -50.45 8.18
C ARG E 87 2.18 -51.49 8.54
N ASP E 88 2.45 -52.38 7.57
CA ASP E 88 3.30 -53.54 7.83
C ASP E 88 4.77 -53.20 8.02
N GLU E 89 5.21 -52.00 7.67
CA GLU E 89 6.61 -51.61 7.86
C GLU E 89 6.84 -50.87 9.17
N ASP E 90 5.80 -50.65 9.97
CA ASP E 90 5.94 -50.03 11.28
C ASP E 90 6.46 -50.99 12.35
N THR E 91 6.65 -52.27 12.01
CA THR E 91 7.14 -53.24 12.99
C THR E 91 8.56 -52.88 13.40
N ALA E 92 8.71 -52.36 14.63
CA ALA E 92 10.00 -51.90 15.10
C ALA E 92 9.94 -51.80 16.62
N VAL E 93 11.12 -51.65 17.22
CA VAL E 93 11.23 -51.41 18.65
C VAL E 93 11.23 -49.90 18.88
N TYR E 94 10.26 -49.42 19.65
CA TYR E 94 10.07 -47.99 19.85
C TYR E 94 10.65 -47.59 21.20
N TYR E 95 11.63 -46.68 21.15
CA TYR E 95 12.34 -46.22 22.35
C TYR E 95 11.78 -44.88 22.80
N CYS E 96 11.53 -44.76 24.10
CA CYS E 96 11.21 -43.48 24.71
C CYS E 96 12.51 -42.83 25.17
N ALA E 97 12.92 -41.78 24.47
CA ALA E 97 14.23 -41.18 24.66
C ALA E 97 14.10 -39.75 25.13
N SER E 98 14.91 -39.37 26.12
CA SER E 98 14.92 -38.01 26.65
C SER E 98 15.86 -37.19 25.77
N GLY E 99 15.32 -36.65 24.69
CA GLY E 99 16.13 -35.90 23.76
C GLY E 99 15.35 -35.03 22.79
N TYR E 100 15.98 -34.71 21.66
CA TYR E 100 15.46 -33.75 20.71
C TYR E 100 16.35 -33.80 19.48
N ARG E 101 15.78 -33.61 18.28
CA ARG E 101 16.56 -33.82 17.06
C ARG E 101 17.75 -32.87 16.97
N PHE E 102 17.66 -31.68 17.56
CA PHE E 102 18.77 -30.73 17.57
C PHE E 102 19.59 -30.82 18.85
N SER E 103 19.63 -31.98 19.49
CA SER E 103 20.37 -32.16 20.73
C SER E 103 20.73 -33.63 20.87
N TYR E 104 21.67 -33.92 21.75
CA TYR E 104 21.98 -35.31 22.05
C TYR E 104 20.93 -35.89 22.98
N VAL E 105 20.90 -37.21 23.06
CA VAL E 105 19.93 -37.94 23.87
C VAL E 105 20.63 -38.47 25.11
N SER E 106 20.07 -38.19 26.28
CA SER E 106 20.74 -38.55 27.52
C SER E 106 20.24 -39.88 28.08
N TYR E 107 18.92 -40.05 28.17
CA TYR E 107 18.33 -41.20 28.84
C TYR E 107 17.52 -42.03 27.86
N TRP E 108 17.77 -43.34 27.83
CA TRP E 108 17.00 -44.30 27.07
C TRP E 108 16.48 -45.38 28.01
N GLY E 109 15.27 -45.86 27.76
CA GLY E 109 14.76 -46.94 28.57
C GLY E 109 13.93 -48.00 27.86
N GLN E 110 14.41 -49.24 27.90
CA GLN E 110 13.64 -50.46 27.65
C GLN E 110 12.57 -50.32 26.57
N GLY E 111 12.98 -49.97 25.35
CA GLY E 111 12.01 -49.72 24.31
C GLY E 111 11.09 -50.91 24.06
N THR E 112 9.81 -50.60 23.90
CA THR E 112 8.79 -51.62 23.68
C THR E 112 8.81 -52.08 22.22
N LEU E 113 8.16 -53.22 21.98
CA LEU E 113 8.15 -53.85 20.67
C LEU E 113 6.71 -53.88 20.14
N VAL E 114 6.55 -53.45 18.90
CA VAL E 114 5.25 -53.46 18.23
C VAL E 114 5.39 -54.16 16.88
N THR E 115 4.45 -55.06 16.59
CA THR E 115 4.45 -55.82 15.35
C THR E 115 3.12 -55.61 14.64
N VAL E 116 3.19 -55.46 13.32
CA VAL E 116 2.00 -55.23 12.48
C VAL E 116 2.01 -56.31 11.42
N SER E 117 1.26 -57.39 11.66
CA SER E 117 1.16 -58.49 10.72
C SER E 117 -0.12 -59.26 11.03
N SER E 118 -0.25 -60.44 10.44
CA SER E 118 -1.42 -61.29 10.66
C SER E 118 -1.03 -62.56 11.43
N GLU F 1 20.89 -31.31 4.38
CA GLU F 1 21.16 -32.68 4.83
C GLU F 1 22.66 -32.93 4.94
N ILE F 2 23.09 -33.34 6.14
CA ILE F 2 24.49 -33.58 6.43
C ILE F 2 24.64 -35.06 6.77
N VAL F 3 23.88 -35.90 6.09
CA VAL F 3 23.90 -37.34 6.32
C VAL F 3 25.33 -37.84 6.45
N LEU F 4 25.56 -38.64 7.48
CA LEU F 4 26.89 -39.12 7.84
C LEU F 4 27.15 -40.49 7.23
N THR F 5 28.42 -40.89 7.24
CA THR F 5 28.84 -42.20 6.76
C THR F 5 29.79 -42.81 7.78
N GLN F 6 29.59 -44.08 8.10
CA GLN F 6 30.40 -44.80 9.06
C GLN F 6 31.26 -45.83 8.34
N SER F 7 32.57 -45.79 8.60
CA SER F 7 33.50 -46.74 8.02
C SER F 7 34.43 -47.26 9.10
N PRO F 8 34.79 -48.56 9.05
CA PRO F 8 34.33 -49.53 8.06
C PRO F 8 32.98 -50.13 8.43
N GLY F 9 32.39 -50.90 7.51
CA GLY F 9 31.12 -51.55 7.81
C GLY F 9 31.20 -52.50 8.98
N THR F 10 32.32 -53.19 9.15
CA THR F 10 32.55 -54.05 10.29
C THR F 10 34.02 -54.01 10.66
N LEU F 11 34.31 -54.32 11.92
CA LEU F 11 35.67 -54.32 12.43
C LEU F 11 35.95 -55.65 13.12
N SER F 12 37.13 -56.20 12.86
CA SER F 12 37.57 -57.45 13.47
C SER F 12 38.84 -57.18 14.27
N LEU F 13 38.83 -57.57 15.53
CA LEU F 13 39.97 -57.37 16.42
C LEU F 13 39.98 -58.47 17.47
N SER F 14 40.79 -58.29 18.50
CA SER F 14 40.92 -59.20 19.62
C SER F 14 41.01 -58.40 20.90
N PRO F 15 40.67 -59.02 22.03
CA PRO F 15 40.79 -58.31 23.31
C PRO F 15 42.23 -57.87 23.57
N GLY F 16 42.37 -56.69 24.18
CA GLY F 16 43.67 -56.11 24.46
C GLY F 16 44.21 -55.20 23.38
N GLU F 17 43.54 -55.10 22.23
CA GLU F 17 44.00 -54.24 21.14
C GLU F 17 43.55 -52.80 21.40
N ARG F 18 43.71 -51.95 20.39
CA ARG F 18 43.24 -50.57 20.46
C ARG F 18 42.49 -50.26 19.17
N ALA F 19 41.18 -50.11 19.27
CA ALA F 19 40.31 -49.96 18.12
C ALA F 19 40.12 -48.49 17.75
N THR F 20 39.79 -48.26 16.48
CA THR F 20 39.50 -46.92 15.98
C THR F 20 38.26 -46.98 15.10
N LEU F 21 37.50 -45.89 15.10
CA LEU F 21 36.30 -45.77 14.30
C LEU F 21 36.33 -44.44 13.55
N SER F 22 35.41 -44.29 12.60
CA SER F 22 35.37 -43.09 11.78
C SER F 22 33.92 -42.81 11.39
N CYS F 23 33.48 -41.58 11.61
CA CYS F 23 32.15 -41.12 11.22
C CYS F 23 32.32 -39.98 10.22
N ARG F 24 32.27 -40.30 8.94
CA ARG F 24 32.42 -39.29 7.89
C ARG F 24 31.21 -38.37 7.88
N ALA F 25 31.47 -37.07 7.72
CA ALA F 25 30.43 -36.06 7.65
C ALA F 25 30.33 -35.50 6.24
N SER F 26 29.12 -35.07 5.87
CA SER F 26 28.91 -34.55 4.52
C SER F 26 29.75 -33.30 4.28
N GLN F 27 29.62 -32.30 5.16
CA GLN F 27 30.47 -31.11 5.09
C GLN F 27 30.31 -30.29 6.36
N SER F 28 31.45 -29.89 6.94
CA SER F 28 31.55 -28.77 7.88
C SER F 28 30.46 -28.74 8.94
N VAL F 29 30.44 -29.72 9.84
CA VAL F 29 29.51 -29.65 10.97
C VAL F 29 29.82 -28.42 11.82
N SER F 30 28.80 -27.93 12.51
CA SER F 30 28.89 -26.67 13.23
C SER F 30 29.25 -26.92 14.69
N SER F 31 30.36 -26.32 15.13
CA SER F 31 30.77 -26.33 16.53
C SER F 31 30.97 -27.74 17.08
N SER F 32 31.38 -28.66 16.21
CA SER F 32 31.68 -30.05 16.60
C SER F 32 30.50 -30.69 17.32
N TYR F 33 29.31 -30.50 16.78
CA TYR F 33 28.10 -31.07 17.38
C TYR F 33 27.95 -32.51 16.89
N LEU F 34 28.55 -33.44 17.62
CA LEU F 34 28.46 -34.86 17.31
C LEU F 34 28.44 -35.65 18.61
N ALA F 35 27.82 -36.83 18.54
CA ALA F 35 27.70 -37.71 19.70
C ALA F 35 27.90 -39.15 19.27
N TRP F 36 28.26 -40.00 20.23
CA TRP F 36 28.48 -41.41 20.00
C TRP F 36 27.62 -42.23 20.95
N TYR F 37 27.02 -43.30 20.42
CA TYR F 37 26.13 -44.15 21.19
C TYR F 37 26.54 -45.59 21.03
N GLN F 38 26.49 -46.34 22.14
CA GLN F 38 26.86 -47.75 22.16
C GLN F 38 25.60 -48.60 22.28
N GLN F 39 25.49 -49.61 21.42
CA GLN F 39 24.34 -50.49 21.36
C GLN F 39 24.78 -51.90 21.76
N LYS F 40 24.73 -52.19 23.05
CA LYS F 40 25.01 -53.53 23.52
C LYS F 40 23.89 -54.48 23.09
N PRO F 41 24.23 -55.61 22.48
CA PRO F 41 23.18 -56.54 22.01
C PRO F 41 22.69 -57.47 23.12
N GLY F 42 21.41 -57.36 23.48
CA GLY F 42 20.53 -56.35 22.93
C GLY F 42 19.96 -55.48 24.03
N GLN F 43 20.38 -54.22 24.06
CA GLN F 43 19.96 -53.29 25.11
C GLN F 43 19.67 -51.94 24.48
N ALA F 44 19.22 -51.00 25.30
CA ALA F 44 19.00 -49.64 24.83
C ALA F 44 20.33 -48.93 24.63
N PRO F 45 20.42 -48.03 23.66
CA PRO F 45 21.68 -47.31 23.43
C PRO F 45 22.07 -46.45 24.62
N ARG F 46 23.38 -46.32 24.83
CA ARG F 46 23.95 -45.44 25.82
C ARG F 46 24.51 -44.19 25.14
N LEU F 47 25.12 -43.32 25.92
CA LEU F 47 25.71 -42.09 25.41
C LEU F 47 27.16 -42.00 25.86
N LEU F 48 28.04 -41.65 24.92
CA LEU F 48 29.47 -41.63 25.20
C LEU F 48 30.07 -40.23 25.13
N ILE F 49 29.90 -39.52 24.01
CA ILE F 49 30.51 -38.22 23.82
C ILE F 49 29.41 -37.20 23.57
N TYR F 50 29.69 -35.93 23.93
CA TYR F 50 28.61 -34.95 23.98
C TYR F 50 28.18 -34.50 22.57
N GLY F 51 29.06 -33.87 21.78
CA GLY F 51 30.33 -33.25 22.14
C GLY F 51 31.52 -33.49 21.23
N ALA F 52 31.64 -34.73 20.74
CA ALA F 52 32.71 -35.19 19.87
C ALA F 52 34.08 -35.15 20.53
N SER F 53 34.19 -34.56 21.73
CA SER F 53 35.41 -34.59 22.51
C SER F 53 35.20 -34.81 24.00
N THR F 54 33.99 -34.66 24.52
CA THR F 54 33.73 -34.66 25.96
C THR F 54 33.07 -35.97 26.36
N ARG F 55 33.72 -36.71 27.26
CA ARG F 55 33.18 -37.97 27.74
C ARG F 55 31.93 -37.75 28.57
N ALA F 56 30.94 -38.61 28.39
CA ALA F 56 29.72 -38.55 29.18
C ALA F 56 29.97 -39.07 30.59
N THR F 57 29.01 -38.80 31.48
CA THR F 57 29.14 -39.22 32.87
C THR F 57 29.04 -40.74 32.99
N GLY F 58 29.80 -41.29 33.93
CA GLY F 58 29.78 -42.71 34.18
C GLY F 58 30.41 -43.58 33.12
N ILE F 59 31.13 -42.98 32.18
CA ILE F 59 31.74 -43.70 31.06
C ILE F 59 33.20 -43.98 31.42
N PRO F 60 33.70 -45.19 31.19
CA PRO F 60 35.12 -45.46 31.47
C PRO F 60 36.02 -44.58 30.61
N ASP F 61 37.19 -44.26 31.17
CA ASP F 61 38.09 -43.31 30.53
C ASP F 61 38.68 -43.83 29.22
N ARG F 62 38.57 -45.13 28.94
CA ARG F 62 39.13 -45.68 27.72
C ARG F 62 38.43 -45.15 26.47
N PHE F 63 37.20 -44.66 26.59
CA PHE F 63 36.46 -44.13 25.46
C PHE F 63 36.90 -42.69 25.21
N THR F 64 37.60 -42.47 24.10
CA THR F 64 38.10 -41.15 23.73
C THR F 64 37.51 -40.74 22.41
N GLY F 65 36.90 -39.56 22.38
CA GLY F 65 36.34 -39.00 21.16
C GLY F 65 37.21 -37.86 20.65
N SER F 66 37.39 -37.81 19.33
CA SER F 66 38.25 -36.81 18.71
C SER F 66 37.72 -36.51 17.32
N GLY F 67 38.45 -35.66 16.60
CA GLY F 67 38.07 -35.25 15.27
C GLY F 67 37.43 -33.89 15.25
N SER F 68 37.56 -33.20 14.11
CA SER F 68 36.96 -31.88 13.94
C SER F 68 36.82 -31.60 12.46
N GLY F 69 35.96 -30.65 12.14
CA GLY F 69 35.73 -30.27 10.76
C GLY F 69 34.68 -31.13 10.08
N THR F 70 35.14 -32.11 9.29
CA THR F 70 34.24 -33.05 8.64
C THR F 70 34.61 -34.50 8.89
N ASP F 71 35.64 -34.77 9.69
CA ASP F 71 36.06 -36.13 10.01
C ASP F 71 36.15 -36.26 11.52
N PHE F 72 35.54 -37.31 12.05
CA PHE F 72 35.54 -37.58 13.49
C PHE F 72 35.89 -39.03 13.74
N THR F 73 36.66 -39.28 14.79
CA THR F 73 37.11 -40.62 15.13
C THR F 73 36.83 -40.90 16.60
N LEU F 74 36.23 -42.04 16.88
CA LEU F 74 36.07 -42.53 18.24
C LEU F 74 37.01 -43.71 18.44
N THR F 75 37.92 -43.58 19.41
CA THR F 75 38.95 -44.59 19.65
C THR F 75 38.87 -45.03 21.10
N ILE F 76 38.87 -46.34 21.31
CA ILE F 76 38.94 -46.91 22.65
C ILE F 76 40.38 -47.29 22.93
N SER F 77 40.92 -46.77 24.04
CA SER F 77 42.34 -46.98 24.34
C SER F 77 42.64 -48.45 24.58
N ARG F 78 41.78 -49.15 25.31
CA ARG F 78 41.98 -50.55 25.65
C ARG F 78 40.75 -51.34 25.27
N LEU F 79 40.94 -52.45 24.57
CA LEU F 79 39.84 -53.34 24.26
C LEU F 79 39.38 -54.07 25.52
N GLU F 80 38.17 -54.63 25.44
CA GLU F 80 37.57 -55.30 26.58
C GLU F 80 36.45 -56.19 26.06
N PRO F 81 36.29 -57.41 26.57
CA PRO F 81 35.35 -58.36 25.96
C PRO F 81 33.90 -57.89 25.92
N GLU F 82 33.47 -57.06 26.87
CA GLU F 82 32.11 -56.54 26.86
C GLU F 82 31.94 -55.35 25.91
N ASP F 83 33.04 -54.74 25.47
CA ASP F 83 32.97 -53.57 24.62
C ASP F 83 32.53 -53.89 23.19
N PHE F 84 32.48 -55.16 22.81
CA PHE F 84 32.06 -55.54 21.46
C PHE F 84 30.58 -55.26 21.29
N ALA F 85 30.24 -54.23 20.52
CA ALA F 85 28.86 -53.82 20.31
C ALA F 85 28.79 -53.02 19.01
N VAL F 86 27.65 -52.37 18.79
CA VAL F 86 27.42 -51.54 17.61
C VAL F 86 27.42 -50.08 18.06
N TYR F 87 28.16 -49.24 17.35
CA TYR F 87 28.34 -47.85 17.72
C TYR F 87 27.75 -46.95 16.65
N TYR F 88 26.92 -46.00 17.06
CA TYR F 88 26.28 -45.05 16.17
C TYR F 88 26.81 -43.65 16.44
N CYS F 89 26.90 -42.86 15.37
CA CYS F 89 27.28 -41.45 15.46
C CYS F 89 26.14 -40.59 14.98
N GLN F 90 25.82 -39.55 15.74
CA GLN F 90 24.71 -38.65 15.44
C GLN F 90 25.22 -37.22 15.42
N GLN F 91 24.79 -36.44 14.45
CA GLN F 91 25.00 -35.00 14.47
C GLN F 91 23.71 -34.33 14.95
N TYR F 92 23.84 -33.42 15.91
CA TYR F 92 22.70 -32.69 16.45
C TYR F 92 22.85 -31.21 16.09
N GLY F 93 22.35 -30.86 14.91
CA GLY F 93 22.36 -29.48 14.47
C GLY F 93 23.67 -29.04 13.85
N SER F 94 23.63 -28.39 12.69
CA SER F 94 22.39 -28.12 11.97
C SER F 94 22.64 -28.12 10.47
N SER F 95 21.74 -28.72 9.70
CA SER F 95 20.55 -29.37 10.22
C SER F 95 20.71 -30.89 10.22
N PRO F 96 20.31 -31.53 11.31
CA PRO F 96 20.45 -32.98 11.42
C PRO F 96 19.48 -33.72 10.53
N ALA F 97 19.85 -34.95 10.19
CA ALA F 97 18.99 -35.82 9.41
C ALA F 97 17.95 -36.47 10.30
N TRP F 98 17.05 -37.22 9.67
CA TRP F 98 15.96 -37.89 10.38
C TRP F 98 16.32 -39.29 10.83
N THR F 99 17.56 -39.72 10.63
CA THR F 99 18.00 -41.05 11.03
C THR F 99 19.41 -40.97 11.58
N PHE F 100 19.77 -41.95 12.40
CA PHE F 100 21.09 -42.03 12.97
C PHE F 100 22.07 -42.61 11.95
N GLY F 101 23.29 -42.91 12.39
CA GLY F 101 24.28 -43.51 11.51
C GLY F 101 23.97 -44.96 11.22
N GLN F 102 24.76 -45.53 10.31
CA GLN F 102 24.59 -46.93 9.96
C GLN F 102 25.05 -47.86 11.06
N GLY F 103 26.12 -47.51 11.78
CA GLY F 103 26.63 -48.35 12.83
C GLY F 103 27.72 -49.30 12.36
N THR F 104 28.68 -49.60 13.21
CA THR F 104 29.78 -50.49 12.88
C THR F 104 29.83 -51.61 13.90
N LYS F 105 29.80 -52.86 13.42
CA LYS F 105 29.89 -54.00 14.30
C LYS F 105 31.35 -54.31 14.63
N VAL F 106 31.64 -54.51 15.91
CA VAL F 106 32.96 -54.87 16.38
C VAL F 106 32.93 -56.35 16.73
N GLU F 107 33.70 -57.16 16.00
CA GLU F 107 33.70 -58.60 16.14
C GLU F 107 35.08 -59.10 16.55
N ILE F 108 35.08 -60.16 17.35
CA ILE F 108 36.33 -60.78 17.79
C ILE F 108 37.06 -61.40 16.61
#